data_5CC3
#
_entry.id   5CC3
#
_cell.length_a   78.236
_cell.length_b   78.236
_cell.length_c   224.145
_cell.angle_alpha   90.00
_cell.angle_beta   90.00
_cell.angle_gamma   90.00
#
_symmetry.space_group_name_H-M   'P 43 21 2'
#
loop_
_entity.id
_entity.type
_entity.pdbx_description
1 polymer 'Malate synthase G'
2 non-polymer 'MAGNESIUM ION'
3 non-polymer '6-bromanyl-1H-indole-2-carboxylic acid'
4 water water
#
_entity_poly.entity_id   1
_entity_poly.type   'polypeptide(L)'
_entity_poly.pdbx_seq_one_letter_code
;MTDRVSVGNLRIARVLYDFVNNEALPGTDIDPDSFWAGVDKVVADLTPQNQALLNARDELQAQIDKWHRRRVIEPIDMDA
YRQFLTEIGYLLPEPDDFTITTSGVDAEITTTAGPQLVVPVLNARFALNAANARWGSLYDALYGTDVIPETDGAEKGPTY
NKVRGDKVIAYARKFLDDSVPLSSGSFGDATGFTVQDGQLVVALPDKSTGLANPGQFAGYTGAAESPTSVLLINHGLHIE
ILIDPESQVGTTDRAGVKDVILESAITTIMDFEDSVAAVDAADKVLGYRNWLGLNKGDLAAAVDKDGTAFLRVLNRDRNY
TAPGGGQFTLPGRSLMFVRNVGHLMTNDAIVDTDGSEVFEGIMDALFTGLIAIHGLKASDVNGPLINSRTGSIYIVKPKM
HGPAEVAFTCELFSRVEDVLGLPQNTMKIGIMDEERRTTVNLKACIKAAADRVVFINTGFLDRTGDEIHTSMEAGPMVRK
GTMKSQPWILAYEDHNVDAGLAAGFSGRAQVGKGMWTMTELMADMVETKIAQPRAGASTAWVPSPTAATLHALHYHQVDV
AAVQQGLAGKRRATIEQLLTIPLAKELAWAPDEIREEVDNNCQSILGYVVRWVDQGVGASKVPDIHDVALMEDRATLRIS
SQLLANWLRHGVITSADVRASLERMAPLVDRQNAGDVAYRPMAPNFDDSIAFLAAQELILSGAQQPNGYTEPILHRRRRE
FKARAAEKPAPSDRAGDDAAR
;
_entity_poly.pdbx_strand_id   A
#
# COMPACT_ATOMS: atom_id res chain seq x y z
N THR A 2 -19.85 -20.26 -26.17
CA THR A 2 -18.77 -20.00 -25.23
C THR A 2 -18.76 -21.01 -24.08
N ASP A 3 -17.77 -20.89 -23.20
CA ASP A 3 -17.60 -21.79 -22.06
C ASP A 3 -17.85 -21.00 -20.78
N ARG A 4 -19.06 -20.47 -20.68
CA ARG A 4 -19.45 -19.76 -19.48
C ARG A 4 -20.51 -20.61 -18.78
N VAL A 5 -20.82 -20.25 -17.54
CA VAL A 5 -21.76 -21.01 -16.76
C VAL A 5 -22.94 -20.11 -16.47
N SER A 6 -24.15 -20.57 -16.82
CA SER A 6 -25.33 -19.74 -16.60
C SER A 6 -25.79 -19.82 -15.15
N VAL A 7 -25.82 -18.67 -14.48
CA VAL A 7 -26.37 -18.58 -13.15
C VAL A 7 -27.31 -17.38 -13.09
N GLY A 8 -28.60 -17.66 -13.19
CA GLY A 8 -29.59 -16.60 -13.32
C GLY A 8 -29.29 -15.75 -14.53
N ASN A 9 -29.01 -14.47 -14.30
CA ASN A 9 -28.76 -13.53 -15.39
C ASN A 9 -27.26 -13.44 -15.73
N LEU A 10 -26.45 -14.22 -15.03
CA LEU A 10 -25.00 -14.14 -15.22
C LEU A 10 -24.41 -15.26 -16.08
N ARG A 11 -23.34 -14.94 -16.80
CA ARG A 11 -22.57 -15.95 -17.50
C ARG A 11 -21.12 -15.91 -17.02
N ILE A 12 -20.79 -16.86 -16.15
CA ILE A 12 -19.52 -16.89 -15.46
C ILE A 12 -18.48 -17.70 -16.22
N ALA A 13 -17.30 -17.13 -16.39
CA ALA A 13 -16.17 -17.85 -16.98
C ALA A 13 -15.94 -19.17 -16.26
N ARG A 14 -15.70 -20.23 -17.03
CA ARG A 14 -15.62 -21.58 -16.47
C ARG A 14 -14.46 -21.72 -15.51
N VAL A 15 -13.35 -21.04 -15.81
CA VAL A 15 -12.14 -21.17 -15.02
C VAL A 15 -12.41 -20.63 -13.63
N LEU A 16 -13.26 -19.61 -13.56
CA LEU A 16 -13.62 -18.98 -12.30
C LEU A 16 -14.66 -19.81 -11.57
N TYR A 17 -15.66 -20.26 -12.29
CA TYR A 17 -16.69 -21.12 -11.71
C TYR A 17 -16.05 -22.39 -11.12
N ASP A 18 -15.13 -23.01 -11.84
CA ASP A 18 -14.45 -24.20 -11.32
C ASP A 18 -13.54 -23.87 -10.13
N PHE A 19 -12.80 -22.77 -10.21
CA PHE A 19 -11.92 -22.40 -9.09
C PHE A 19 -12.75 -22.27 -7.84
N VAL A 20 -13.83 -21.51 -7.93
CA VAL A 20 -14.67 -21.30 -6.77
C VAL A 20 -15.24 -22.61 -6.24
N ASN A 21 -15.72 -23.46 -7.13
CA ASN A 21 -16.36 -24.70 -6.69
C ASN A 21 -15.39 -25.69 -6.10
N ASN A 22 -14.24 -25.84 -6.75
CA ASN A 22 -13.28 -26.85 -6.38
C ASN A 22 -12.32 -26.40 -5.29
N GLU A 23 -12.04 -25.10 -5.21
CA GLU A 23 -10.98 -24.59 -4.31
C GLU A 23 -11.45 -23.62 -3.23
N ALA A 24 -12.18 -22.59 -3.64
CA ALA A 24 -12.65 -21.59 -2.70
C ALA A 24 -13.75 -22.10 -1.77
N LEU A 25 -14.78 -22.75 -2.32
CA LEU A 25 -15.94 -23.17 -1.51
C LEU A 25 -15.72 -24.29 -0.49
N PRO A 26 -15.03 -25.38 -0.87
CA PRO A 26 -14.91 -26.47 0.11
C PRO A 26 -14.18 -26.07 1.38
N GLY A 27 -14.83 -26.26 2.52
CA GLY A 27 -14.22 -25.97 3.78
C GLY A 27 -14.84 -24.78 4.49
N THR A 28 -15.82 -24.15 3.84
CA THR A 28 -16.48 -22.99 4.43
C THR A 28 -17.90 -23.26 4.94
N ASP A 29 -18.46 -24.42 4.58
CA ASP A 29 -19.84 -24.77 4.92
C ASP A 29 -20.86 -23.78 4.36
N ILE A 30 -20.55 -23.21 3.20
CA ILE A 30 -21.53 -22.43 2.48
C ILE A 30 -22.07 -23.30 1.35
N ASP A 31 -23.39 -23.40 1.23
CA ASP A 31 -23.96 -24.18 0.14
C ASP A 31 -23.59 -23.61 -1.22
N PRO A 32 -22.96 -24.43 -2.07
CA PRO A 32 -22.49 -23.93 -3.37
C PRO A 32 -23.55 -23.17 -4.16
N ASP A 33 -24.77 -23.67 -4.19
CA ASP A 33 -25.76 -22.98 -4.99
C ASP A 33 -26.41 -21.77 -4.32
N SER A 34 -26.42 -21.74 -3.00
CA SER A 34 -26.78 -20.52 -2.28
C SER A 34 -25.74 -19.42 -2.54
N PHE A 35 -24.46 -19.78 -2.54
CA PHE A 35 -23.40 -18.81 -2.85
C PHE A 35 -23.65 -18.18 -4.21
N TRP A 36 -23.82 -19.01 -5.25
CA TRP A 36 -23.99 -18.53 -6.61
C TRP A 36 -25.28 -17.73 -6.83
N ALA A 37 -26.38 -18.20 -6.25
CA ALA A 37 -27.61 -17.45 -6.27
C ALA A 37 -27.39 -16.09 -5.60
N GLY A 38 -26.57 -16.08 -4.56
CA GLY A 38 -26.25 -14.83 -3.89
C GLY A 38 -25.43 -13.91 -4.80
N VAL A 39 -24.48 -14.49 -5.52
CA VAL A 39 -23.67 -13.74 -6.48
C VAL A 39 -24.56 -13.04 -7.48
N ASP A 40 -25.43 -13.81 -8.12
CA ASP A 40 -26.43 -13.28 -9.06
C ASP A 40 -27.31 -12.19 -8.45
N LYS A 41 -27.85 -12.47 -7.27
CA LYS A 41 -28.73 -11.52 -6.59
C LYS A 41 -28.01 -10.18 -6.26
N VAL A 42 -26.87 -10.26 -5.57
CA VAL A 42 -26.10 -9.08 -5.19
C VAL A 42 -25.71 -8.25 -6.43
N VAL A 43 -25.31 -8.91 -7.50
CA VAL A 43 -24.94 -8.20 -8.72
C VAL A 43 -26.15 -7.48 -9.32
N ALA A 44 -27.29 -8.17 -9.41
CA ALA A 44 -28.51 -7.56 -9.93
C ALA A 44 -28.98 -6.36 -9.13
N ASP A 45 -28.83 -6.42 -7.81
CA ASP A 45 -29.36 -5.39 -6.90
C ASP A 45 -28.48 -4.14 -6.79
N LEU A 46 -27.17 -4.33 -6.79
CA LEU A 46 -26.23 -3.27 -6.48
C LEU A 46 -25.63 -2.59 -7.70
N THR A 47 -25.70 -3.27 -8.85
CA THR A 47 -25.17 -2.71 -10.10
C THR A 47 -25.76 -1.34 -10.46
N PRO A 48 -27.09 -1.17 -10.34
CA PRO A 48 -27.62 0.15 -10.71
C PRO A 48 -27.07 1.32 -9.88
N GLN A 49 -26.92 1.14 -8.56
CA GLN A 49 -26.33 2.19 -7.73
CA GLN A 49 -26.33 2.18 -7.74
C GLN A 49 -24.85 2.35 -8.05
N ASN A 50 -24.18 1.26 -8.34
CA ASN A 50 -22.76 1.32 -8.72
C ASN A 50 -22.66 2.26 -9.91
N GLN A 51 -23.52 2.05 -10.91
CA GLN A 51 -23.51 2.86 -12.13
C GLN A 51 -23.92 4.32 -11.87
N ALA A 52 -24.99 4.52 -11.10
CA ALA A 52 -25.45 5.85 -10.73
C ALA A 52 -24.35 6.68 -10.07
N LEU A 53 -23.57 6.05 -9.17
CA LEU A 53 -22.46 6.71 -8.52
C LEU A 53 -21.38 7.14 -9.52
N LEU A 54 -21.07 6.29 -10.49
CA LEU A 54 -20.11 6.61 -11.53
C LEU A 54 -20.60 7.73 -12.46
N ASN A 55 -21.91 7.77 -12.73
CA ASN A 55 -22.51 8.87 -13.46
C ASN A 55 -22.40 10.19 -12.69
N ALA A 56 -22.57 10.11 -11.37
CA ALA A 56 -22.52 11.29 -10.51
C ALA A 56 -21.15 11.95 -10.56
N ARG A 57 -20.08 11.15 -10.60
CA ARG A 57 -18.73 11.68 -10.79
C ARG A 57 -18.66 12.55 -12.04
N ASP A 58 -19.05 11.98 -13.18
CA ASP A 58 -18.96 12.66 -14.48
C ASP A 58 -19.71 13.98 -14.49
N GLU A 59 -20.88 13.97 -13.85
CA GLU A 59 -21.78 15.13 -13.77
C GLU A 59 -21.14 16.26 -12.98
N LEU A 60 -20.57 15.92 -11.83
CA LEU A 60 -19.85 16.91 -11.03
C LEU A 60 -18.64 17.45 -11.80
N GLN A 61 -17.86 16.56 -12.40
CA GLN A 61 -16.69 16.99 -13.15
C GLN A 61 -17.06 17.92 -14.30
N ALA A 62 -18.12 17.59 -15.04
CA ALA A 62 -18.62 18.44 -16.12
C ALA A 62 -18.93 19.86 -15.63
N GLN A 63 -19.59 19.95 -14.48
CA GLN A 63 -19.96 21.25 -13.89
C GLN A 63 -18.75 22.08 -13.43
N ILE A 64 -17.73 21.39 -12.90
CA ILE A 64 -16.49 22.05 -12.52
C ILE A 64 -15.70 22.50 -13.76
N ASP A 65 -15.59 21.62 -14.76
CA ASP A 65 -15.01 21.98 -16.07
C ASP A 65 -15.59 23.29 -16.63
N LYS A 66 -16.91 23.42 -16.58
CA LYS A 66 -17.59 24.60 -17.11
C LYS A 66 -17.35 25.81 -16.22
N TRP A 67 -17.28 25.57 -14.91
CA TRP A 67 -17.03 26.64 -13.95
C TRP A 67 -15.72 27.32 -14.33
N HIS A 68 -14.66 26.54 -14.52
CA HIS A 68 -13.37 27.11 -14.88
C HIS A 68 -13.39 27.76 -16.28
N ARG A 69 -14.12 27.15 -17.20
CA ARG A 69 -14.12 27.59 -18.60
C ARG A 69 -14.73 28.97 -18.82
N ARG A 70 -15.62 29.38 -17.93
CA ARG A 70 -16.22 30.71 -18.02
C ARG A 70 -15.53 31.73 -17.13
N ARG A 71 -14.34 31.41 -16.62
CA ARG A 71 -13.73 32.28 -15.60
C ARG A 71 -12.77 33.39 -16.06
N VAL A 72 -11.81 33.08 -16.93
CA VAL A 72 -10.74 34.05 -17.30
C VAL A 72 -10.11 34.91 -16.19
N ILE A 73 -10.29 34.56 -14.93
CA ILE A 73 -9.77 35.42 -13.87
C ILE A 73 -8.57 34.83 -13.13
N GLU A 74 -7.55 35.68 -12.98
CA GLU A 74 -6.22 35.28 -12.52
C GLU A 74 -6.21 34.32 -11.31
N PRO A 75 -6.46 34.80 -10.08
CA PRO A 75 -6.22 33.86 -8.98
C PRO A 75 -7.34 32.83 -8.76
N ILE A 76 -8.22 33.10 -7.79
CA ILE A 76 -9.36 32.24 -7.47
C ILE A 76 -10.17 32.90 -6.35
N ASP A 77 -11.46 33.09 -6.55
CA ASP A 77 -12.27 33.54 -5.44
C ASP A 77 -12.69 32.36 -4.59
N MET A 78 -11.86 32.03 -3.61
CA MET A 78 -12.09 30.87 -2.75
C MET A 78 -13.50 30.83 -2.20
N ASP A 79 -14.05 31.98 -1.83
CA ASP A 79 -15.41 32.02 -1.29
C ASP A 79 -16.46 31.58 -2.30
N ALA A 80 -16.33 32.04 -3.54
CA ALA A 80 -17.29 31.71 -4.57
C ALA A 80 -17.11 30.27 -5.04
N TYR A 81 -15.86 29.85 -5.17
CA TYR A 81 -15.52 28.50 -5.61
C TYR A 81 -16.05 27.49 -4.61
N ARG A 82 -15.89 27.79 -3.33
CA ARG A 82 -16.40 26.94 -2.27
C ARG A 82 -17.91 26.95 -2.24
N GLN A 83 -18.49 28.10 -2.55
CA GLN A 83 -19.93 28.24 -2.63
C GLN A 83 -20.44 27.35 -3.76
N PHE A 84 -19.72 27.38 -4.88
CA PHE A 84 -20.08 26.57 -6.03
C PHE A 84 -20.04 25.07 -5.73
N LEU A 85 -18.96 24.60 -5.12
CA LEU A 85 -18.83 23.19 -4.77
C LEU A 85 -19.98 22.75 -3.86
N THR A 86 -20.39 23.65 -2.96
CA THR A 86 -21.48 23.37 -2.03
C THR A 86 -22.84 23.29 -2.74
N GLU A 87 -23.03 24.10 -3.77
CA GLU A 87 -24.29 24.06 -4.52
C GLU A 87 -24.48 22.79 -5.30
N ILE A 88 -23.41 22.29 -5.89
CA ILE A 88 -23.49 21.12 -6.79
C ILE A 88 -23.43 19.79 -6.04
N GLY A 89 -23.28 19.84 -4.72
CA GLY A 89 -23.24 18.63 -3.93
C GLY A 89 -21.85 17.97 -3.89
N TYR A 90 -20.82 18.74 -4.24
CA TYR A 90 -19.46 18.21 -4.22
C TYR A 90 -18.91 18.29 -2.79
N LEU A 91 -19.06 19.46 -2.19
CA LEU A 91 -18.68 19.66 -0.80
C LEU A 91 -19.93 19.48 0.06
N LEU A 92 -19.98 18.41 0.86
CA LEU A 92 -21.14 18.17 1.71
C LEU A 92 -20.95 18.79 3.10
N PRO A 93 -22.06 18.97 3.86
CA PRO A 93 -21.90 19.51 5.21
C PRO A 93 -21.12 18.58 6.13
N GLU A 94 -20.35 19.17 7.02
CA GLU A 94 -19.59 18.42 8.00
C GLU A 94 -20.51 17.88 9.10
N PRO A 95 -20.37 16.59 9.45
CA PRO A 95 -21.24 15.97 10.46
C PRO A 95 -20.81 16.37 11.86
N ASP A 96 -21.70 16.22 12.84
CA ASP A 96 -21.33 16.45 14.24
C ASP A 96 -20.26 15.47 14.68
N ASP A 97 -19.51 15.84 15.72
CA ASP A 97 -18.47 14.96 16.26
C ASP A 97 -19.04 13.57 16.56
N PHE A 98 -18.19 12.56 16.41
CA PHE A 98 -18.60 11.19 16.70
C PHE A 98 -17.39 10.31 16.99
N THR A 99 -17.65 9.09 17.44
CA THR A 99 -16.59 8.10 17.64
C THR A 99 -16.93 6.82 16.90
N ILE A 100 -15.93 6.22 16.25
CA ILE A 100 -16.16 5.00 15.47
C ILE A 100 -16.47 3.85 16.42
N THR A 101 -17.34 2.93 15.99
CA THR A 101 -17.76 1.84 16.87
C THR A 101 -17.16 0.49 16.48
N THR A 102 -16.22 0.52 15.53
CA THR A 102 -15.62 -0.69 14.95
C THR A 102 -15.07 -1.70 15.98
N SER A 103 -15.63 -2.90 15.98
CA SER A 103 -15.27 -3.92 16.96
C SER A 103 -14.81 -5.25 16.32
N GLY A 104 -14.16 -6.11 17.10
CA GLY A 104 -13.69 -7.39 16.62
C GLY A 104 -12.38 -7.31 15.83
N VAL A 105 -11.59 -6.27 16.11
CA VAL A 105 -10.39 -5.98 15.34
C VAL A 105 -9.14 -6.43 16.08
N ASP A 106 -8.16 -6.89 15.32
CA ASP A 106 -6.92 -7.41 15.90
C ASP A 106 -6.00 -6.32 16.45
N ALA A 107 -5.21 -6.71 17.44
CA ALA A 107 -4.27 -5.84 18.13
C ALA A 107 -3.31 -5.14 17.17
N GLU A 108 -2.89 -5.86 16.12
CA GLU A 108 -1.96 -5.30 15.13
C GLU A 108 -2.51 -4.03 14.50
N ILE A 109 -3.84 -3.94 14.43
CA ILE A 109 -4.50 -2.82 13.78
C ILE A 109 -4.94 -1.74 14.77
N THR A 110 -5.52 -2.16 15.88
CA THR A 110 -6.05 -1.20 16.86
C THR A 110 -4.95 -0.45 17.64
N THR A 111 -3.90 -1.16 18.03
CA THR A 111 -3.00 -0.64 19.05
C THR A 111 -1.55 -0.50 18.62
N THR A 112 -1.09 -1.43 17.80
CA THR A 112 0.31 -1.47 17.39
C THR A 112 0.58 -0.50 16.26
N ALA A 113 1.60 0.33 16.41
CA ALA A 113 2.08 1.18 15.32
C ALA A 113 3.29 0.52 14.69
N GLY A 114 3.32 0.46 13.37
CA GLY A 114 4.46 -0.10 12.65
C GLY A 114 4.33 -0.09 11.12
N PRO A 115 5.40 -0.51 10.43
CA PRO A 115 5.41 -0.59 8.96
C PRO A 115 4.30 -1.47 8.43
N GLN A 116 3.80 -1.13 7.23
CA GLN A 116 2.78 -1.92 6.55
C GLN A 116 3.26 -2.13 5.13
N LEU A 117 3.27 -3.39 4.71
CA LEU A 117 3.81 -3.80 3.42
C LEU A 117 2.63 -3.92 2.45
N VAL A 118 2.87 -3.62 1.18
CA VAL A 118 1.87 -3.83 0.12
C VAL A 118 2.51 -4.65 -0.99
N VAL A 119 1.83 -5.67 -1.47
CA VAL A 119 2.47 -6.62 -2.37
C VAL A 119 1.47 -7.17 -3.41
N PRO A 120 1.93 -7.34 -4.67
CA PRO A 120 1.06 -7.85 -5.74
C PRO A 120 0.62 -9.27 -5.45
N VAL A 121 -0.69 -9.47 -5.26
CA VAL A 121 -1.18 -10.79 -4.91
C VAL A 121 -0.92 -11.81 -6.03
N LEU A 122 -0.80 -11.34 -7.27
CA LEU A 122 -0.52 -12.23 -8.39
C LEU A 122 0.89 -12.84 -8.40
N ASN A 123 1.79 -12.31 -7.57
CA ASN A 123 3.13 -12.86 -7.47
C ASN A 123 3.34 -13.65 -6.20
N ALA A 124 3.26 -14.97 -6.32
CA ALA A 124 3.27 -15.87 -5.19
C ALA A 124 4.52 -15.75 -4.32
N ARG A 125 5.68 -15.63 -4.96
CA ARG A 125 6.94 -15.52 -4.24
C ARG A 125 6.97 -14.27 -3.38
N PHE A 126 6.60 -13.14 -3.97
CA PHE A 126 6.54 -11.88 -3.24
C PHE A 126 5.51 -11.95 -2.12
N ALA A 127 4.35 -12.51 -2.43
CA ALA A 127 3.26 -12.56 -1.46
C ALA A 127 3.71 -13.30 -0.22
N LEU A 128 4.42 -14.40 -0.43
CA LEU A 128 4.90 -15.20 0.68
C LEU A 128 5.94 -14.45 1.51
N ASN A 129 6.90 -13.82 0.83
CA ASN A 129 7.93 -13.06 1.52
C ASN A 129 7.38 -11.96 2.40
N ALA A 130 6.34 -11.28 1.90
CA ALA A 130 5.64 -10.26 2.68
C ALA A 130 5.03 -10.85 3.96
N ALA A 131 4.24 -11.92 3.81
CA ALA A 131 3.60 -12.56 4.95
C ALA A 131 4.62 -13.04 5.99
N ASN A 132 5.80 -13.44 5.51
CA ASN A 132 6.92 -13.80 6.37
C ASN A 132 7.74 -12.60 6.90
N ALA A 133 7.43 -11.40 6.42
CA ALA A 133 8.23 -10.24 6.78
C ALA A 133 7.87 -9.60 8.14
N ARG A 134 6.97 -10.23 8.89
CA ARG A 134 6.67 -9.86 10.26
C ARG A 134 7.95 -9.73 11.10
N TRP A 135 8.90 -10.63 10.86
CA TRP A 135 10.19 -10.59 11.57
C TRP A 135 11.30 -10.59 10.55
N GLY A 136 12.26 -9.68 10.71
CA GLY A 136 13.35 -9.54 9.76
C GLY A 136 14.67 -9.19 10.43
N SER A 137 15.75 -9.61 9.77
CA SER A 137 17.11 -9.39 10.26
C SER A 137 17.51 -7.94 10.07
N LEU A 138 17.93 -7.30 11.14
CA LEU A 138 18.40 -5.92 11.03
C LEU A 138 19.77 -5.86 10.39
N TYR A 139 20.63 -6.82 10.73
CA TYR A 139 21.98 -6.86 10.20
C TYR A 139 21.93 -6.98 8.68
N ASP A 140 21.07 -7.86 8.19
CA ASP A 140 20.88 -8.04 6.76
C ASP A 140 20.41 -6.73 6.12
N ALA A 141 19.45 -6.07 6.76
CA ALA A 141 18.89 -4.86 6.21
C ALA A 141 19.93 -3.72 6.22
N LEU A 142 20.87 -3.77 7.16
CA LEU A 142 21.94 -2.76 7.25
C LEU A 142 23.09 -3.08 6.31
N TYR A 143 23.67 -4.27 6.45
CA TYR A 143 24.76 -4.70 5.57
C TYR A 143 24.38 -4.67 4.09
N GLY A 144 23.12 -4.97 3.79
CA GLY A 144 22.67 -5.06 2.41
C GLY A 144 22.31 -3.78 1.68
N THR A 145 22.11 -2.70 2.42
CA THR A 145 21.69 -1.45 1.79
C THR A 145 22.71 -0.34 2.09
N ASP A 146 22.44 0.85 1.57
CA ASP A 146 23.34 1.98 1.77
C ASP A 146 23.08 2.73 3.08
N VAL A 147 22.28 2.16 3.97
CA VAL A 147 22.11 2.73 5.30
C VAL A 147 23.49 2.79 5.96
N ILE A 148 24.27 1.72 5.83
CA ILE A 148 25.70 1.80 6.08
C ILE A 148 26.34 2.15 4.74
N PRO A 149 26.91 3.37 4.64
CA PRO A 149 27.41 3.86 3.35
C PRO A 149 28.58 3.04 2.81
N GLU A 150 28.58 2.78 1.50
CA GLU A 150 29.68 2.07 0.86
C GLU A 150 30.86 3.00 0.56
N THR A 151 31.45 3.49 1.62
CA THR A 151 32.64 4.33 1.54
C THR A 151 33.84 3.41 1.35
N ASP A 152 35.01 4.01 1.18
CA ASP A 152 36.24 3.25 0.97
C ASP A 152 36.45 2.25 2.12
N GLY A 153 36.66 0.99 1.78
CA GLY A 153 36.90 -0.03 2.78
C GLY A 153 35.66 -0.75 3.29
N ALA A 154 34.53 -0.07 3.27
CA ALA A 154 33.27 -0.65 3.78
C ALA A 154 32.31 -1.01 2.65
N GLU A 155 32.86 -1.51 1.55
CA GLU A 155 32.05 -1.89 0.40
C GLU A 155 31.56 -3.33 0.50
N LYS A 156 30.45 -3.61 -0.17
CA LYS A 156 29.95 -4.96 -0.30
C LYS A 156 30.63 -5.61 -1.49
N GLY A 157 31.22 -6.77 -1.27
CA GLY A 157 31.89 -7.50 -2.32
C GLY A 157 31.25 -8.86 -2.56
N PRO A 158 32.03 -9.81 -3.07
CA PRO A 158 31.60 -11.20 -3.20
C PRO A 158 31.31 -11.79 -1.83
N THR A 159 32.23 -11.60 -0.89
CA THR A 159 32.11 -12.19 0.43
C THR A 159 32.21 -11.15 1.55
N TYR A 160 31.80 -11.56 2.75
CA TYR A 160 31.68 -10.71 3.94
C TYR A 160 32.83 -9.73 4.16
N ASN A 161 32.47 -8.45 4.24
CA ASN A 161 33.39 -7.39 4.65
C ASN A 161 33.32 -7.24 6.16
N LYS A 162 34.43 -7.54 6.82
CA LYS A 162 34.53 -7.40 8.27
C LYS A 162 34.42 -5.95 8.71
N VAL A 163 35.05 -5.06 7.94
CA VAL A 163 34.99 -3.63 8.23
C VAL A 163 33.53 -3.13 8.18
N ARG A 164 32.85 -3.44 7.09
CA ARG A 164 31.45 -3.08 6.93
C ARG A 164 30.52 -3.72 7.98
N GLY A 165 30.77 -4.99 8.29
CA GLY A 165 29.96 -5.70 9.26
C GLY A 165 30.12 -5.13 10.66
N ASP A 166 31.33 -4.64 10.95
CA ASP A 166 31.60 -3.94 12.21
C ASP A 166 30.79 -2.67 12.36
N LYS A 167 30.63 -1.91 11.28
CA LYS A 167 29.79 -0.72 11.33
C LYS A 167 28.32 -1.10 11.54
N VAL A 168 27.93 -2.23 10.95
CA VAL A 168 26.59 -2.79 11.12
C VAL A 168 26.33 -3.10 12.59
N ILE A 169 27.28 -3.77 13.24
CA ILE A 169 27.17 -4.09 14.66
C ILE A 169 27.04 -2.82 15.49
N ALA A 170 27.88 -1.84 15.20
CA ALA A 170 27.89 -0.60 15.99
C ALA A 170 26.57 0.16 15.86
N TYR A 171 26.06 0.24 14.64
CA TYR A 171 24.77 0.87 14.38
C TYR A 171 23.67 0.22 15.19
N ALA A 172 23.66 -1.10 15.26
CA ALA A 172 22.62 -1.83 15.98
C ALA A 172 22.77 -1.66 17.49
N ARG A 173 24.01 -1.67 17.95
CA ARG A 173 24.30 -1.39 19.36
C ARG A 173 23.71 -0.06 19.77
N LYS A 174 23.95 0.95 18.95
CA LYS A 174 23.46 2.30 19.21
C LYS A 174 21.93 2.34 19.28
N PHE A 175 21.28 1.65 18.34
CA PHE A 175 19.82 1.49 18.30
C PHE A 175 19.28 0.84 19.57
N LEU A 176 20.02 -0.14 20.10
CA LEU A 176 19.62 -0.79 21.33
C LEU A 176 19.69 0.19 22.53
N ASP A 177 20.76 0.97 22.59
CA ASP A 177 20.90 2.00 23.63
C ASP A 177 19.80 3.06 23.56
N ASP A 178 19.47 3.48 22.35
CA ASP A 178 18.39 4.45 22.15
C ASP A 178 17.03 3.83 22.49
N SER A 179 16.83 2.56 22.13
CA SER A 179 15.49 1.97 22.24
C SER A 179 15.19 1.26 23.55
N VAL A 180 16.16 0.52 24.07
CA VAL A 180 15.98 -0.23 25.31
C VAL A 180 17.19 0.04 26.22
N PRO A 181 17.26 1.27 26.75
CA PRO A 181 18.45 1.80 27.47
C PRO A 181 18.86 0.95 28.68
N LEU A 182 20.15 0.82 28.91
CA LEU A 182 20.66 0.17 30.12
C LEU A 182 20.62 1.14 31.30
N SER A 183 20.65 0.63 32.52
CA SER A 183 20.70 1.49 33.71
C SER A 183 21.99 2.30 33.73
N SER A 184 23.09 1.66 33.35
CA SER A 184 24.33 2.37 33.05
C SER A 184 25.15 1.61 32.03
N GLY A 185 25.99 2.33 31.28
CA GLY A 185 26.78 1.71 30.23
C GLY A 185 26.02 1.56 28.93
N SER A 186 26.70 1.04 27.92
CA SER A 186 26.13 0.87 26.60
C SER A 186 26.11 -0.61 26.21
N PHE A 187 25.18 -0.99 25.34
CA PHE A 187 25.18 -2.35 24.76
C PHE A 187 26.46 -2.56 23.97
N GLY A 188 27.06 -1.47 23.50
CA GLY A 188 28.30 -1.55 22.75
C GLY A 188 29.46 -2.18 23.51
N ASP A 189 29.32 -2.30 24.82
CA ASP A 189 30.38 -2.87 25.64
C ASP A 189 29.88 -4.10 26.43
N ALA A 190 28.69 -4.57 26.08
CA ALA A 190 28.15 -5.80 26.66
C ALA A 190 29.07 -6.99 26.38
N THR A 191 29.18 -7.90 27.35
CA THR A 191 30.01 -9.07 27.18
C THR A 191 29.17 -10.33 27.22
N GLY A 192 28.02 -10.23 27.88
CA GLY A 192 27.09 -11.34 27.95
C GLY A 192 25.68 -10.98 28.39
N PHE A 193 24.75 -11.92 28.23
CA PHE A 193 23.37 -11.75 28.64
C PHE A 193 22.94 -12.95 29.45
N THR A 194 22.24 -12.69 30.56
CA THR A 194 21.74 -13.74 31.44
C THR A 194 20.45 -13.30 32.09
N VAL A 195 19.64 -14.27 32.52
CA VAL A 195 18.39 -13.98 33.20
C VAL A 195 18.46 -14.50 34.62
N GLN A 196 18.35 -13.61 35.60
CA GLN A 196 18.31 -14.07 36.98
C GLN A 196 17.12 -13.46 37.73
N ASP A 197 16.28 -14.34 38.26
CA ASP A 197 15.04 -13.94 38.95
C ASP A 197 14.13 -13.09 38.07
N GLY A 198 13.98 -13.49 36.81
CA GLY A 198 13.07 -12.83 35.89
C GLY A 198 13.57 -11.50 35.38
N GLN A 199 14.82 -11.18 35.70
CA GLN A 199 15.42 -9.92 35.30
C GLN A 199 16.51 -10.16 34.26
N LEU A 200 16.50 -9.35 33.21
CA LEU A 200 17.62 -9.37 32.27
C LEU A 200 18.85 -8.77 32.94
N VAL A 201 19.97 -9.50 32.88
CA VAL A 201 21.24 -8.99 33.40
C VAL A 201 22.30 -8.95 32.30
N VAL A 202 22.78 -7.75 31.99
CA VAL A 202 23.78 -7.54 30.95
C VAL A 202 25.16 -7.39 31.59
N ALA A 203 26.12 -8.17 31.11
CA ALA A 203 27.46 -8.13 31.66
C ALA A 203 28.35 -7.14 30.90
N LEU A 204 28.91 -6.18 31.64
CA LEU A 204 29.88 -5.24 31.07
C LEU A 204 31.29 -5.66 31.51
N PRO A 205 32.32 -5.10 30.87
CA PRO A 205 33.68 -5.52 31.26
C PRO A 205 34.00 -5.16 32.72
N ASP A 206 33.40 -4.10 33.25
CA ASP A 206 33.69 -3.63 34.60
C ASP A 206 32.69 -4.13 35.65
N LYS A 207 31.44 -4.31 35.23
CA LYS A 207 30.38 -4.75 36.14
C LYS A 207 29.14 -5.18 35.36
N SER A 208 28.06 -5.50 36.08
CA SER A 208 26.81 -5.86 35.43
C SER A 208 25.78 -4.76 35.55
N THR A 209 24.68 -4.90 34.80
CA THR A 209 23.59 -3.94 34.85
C THR A 209 22.27 -4.50 34.31
N GLY A 210 21.17 -3.88 34.73
CA GLY A 210 19.84 -4.21 34.24
C GLY A 210 19.33 -3.15 33.27
N LEU A 211 18.10 -3.31 32.79
CA LEU A 211 17.50 -2.31 31.92
C LEU A 211 17.07 -1.14 32.77
N ALA A 212 17.14 0.07 32.22
CA ALA A 212 16.56 1.23 32.87
C ALA A 212 15.08 0.94 33.13
N ASN A 213 14.39 0.42 32.13
CA ASN A 213 13.01 0.00 32.30
C ASN A 213 12.91 -1.49 32.08
N PRO A 214 13.03 -2.27 33.18
CA PRO A 214 12.95 -3.73 33.18
C PRO A 214 11.69 -4.26 32.52
N GLY A 215 10.62 -3.46 32.47
CA GLY A 215 9.40 -3.88 31.80
C GLY A 215 9.54 -4.07 30.30
N GLN A 216 10.64 -3.59 29.72
CA GLN A 216 10.93 -3.81 28.31
C GLN A 216 11.52 -5.19 28.03
N PHE A 217 11.99 -5.87 29.08
CA PHE A 217 12.40 -7.28 28.97
C PHE A 217 11.15 -8.11 28.79
N ALA A 218 11.05 -8.80 27.66
CA ALA A 218 9.82 -9.49 27.29
C ALA A 218 9.92 -11.00 27.33
N GLY A 219 11.13 -11.53 27.25
CA GLY A 219 11.32 -12.98 27.25
C GLY A 219 12.70 -13.43 26.78
N TYR A 220 12.84 -14.73 26.50
CA TYR A 220 14.09 -15.27 25.99
C TYR A 220 13.95 -16.70 25.46
N THR A 221 15.03 -17.21 24.87
CA THR A 221 15.10 -18.62 24.47
C THR A 221 16.40 -19.27 24.96
N GLY A 222 16.36 -20.59 25.15
CA GLY A 222 17.52 -21.31 25.66
C GLY A 222 17.61 -21.18 27.17
N ALA A 223 18.76 -21.52 27.72
CA ALA A 223 18.97 -21.49 29.16
C ALA A 223 19.06 -20.07 29.68
N ALA A 224 18.40 -19.82 30.81
CA ALA A 224 18.42 -18.51 31.45
C ALA A 224 19.86 -18.05 31.70
N GLU A 225 20.74 -19.02 31.94
CA GLU A 225 22.12 -18.77 32.32
C GLU A 225 23.08 -18.63 31.13
N SER A 226 22.62 -19.03 29.96
CA SER A 226 23.37 -18.82 28.70
C SER A 226 22.40 -18.85 27.52
N PRO A 227 21.56 -17.80 27.38
CA PRO A 227 20.41 -17.83 26.48
C PRO A 227 20.81 -17.87 25.02
N THR A 228 19.95 -18.42 24.17
CA THR A 228 20.19 -18.38 22.74
C THR A 228 19.66 -17.08 22.15
N SER A 229 18.74 -16.43 22.85
CA SER A 229 18.33 -15.08 22.48
C SER A 229 17.65 -14.34 23.63
N VAL A 230 17.55 -13.02 23.49
CA VAL A 230 16.79 -12.21 24.44
C VAL A 230 15.73 -11.40 23.70
N LEU A 231 14.49 -11.47 24.18
CA LEU A 231 13.39 -10.73 23.59
C LEU A 231 13.10 -9.45 24.37
N LEU A 232 13.09 -8.31 23.67
CA LEU A 232 12.78 -7.03 24.29
C LEU A 232 11.56 -6.41 23.61
N ILE A 233 10.93 -5.46 24.29
CA ILE A 233 9.82 -4.73 23.69
C ILE A 233 9.93 -3.19 23.92
N ASN A 234 9.54 -2.42 22.90
CA ASN A 234 9.57 -0.96 22.98
C ASN A 234 8.52 -0.38 22.04
N HIS A 235 7.57 0.36 22.60
CA HIS A 235 6.46 0.95 21.85
C HIS A 235 5.61 -0.12 21.16
N GLY A 236 5.45 -1.27 21.82
CA GLY A 236 4.60 -2.33 21.32
C GLY A 236 5.25 -3.23 20.26
N LEU A 237 6.54 -3.03 19.99
CA LEU A 237 7.24 -3.77 18.93
C LEU A 237 8.42 -4.53 19.50
N HIS A 238 8.58 -5.78 19.08
CA HIS A 238 9.63 -6.63 19.61
C HIS A 238 10.99 -6.50 18.94
N ILE A 239 12.03 -6.69 19.76
CA ILE A 239 13.41 -6.67 19.34
C ILE A 239 14.06 -7.91 19.92
N GLU A 240 14.58 -8.78 19.06
CA GLU A 240 15.21 -10.00 19.55
C GLU A 240 16.68 -10.01 19.24
N ILE A 241 17.49 -10.14 20.29
CA ILE A 241 18.93 -10.26 20.14
C ILE A 241 19.27 -11.74 20.10
N LEU A 242 19.74 -12.22 18.96
CA LEU A 242 20.17 -13.61 18.81
C LEU A 242 21.60 -13.80 19.29
N ILE A 243 21.81 -14.72 20.21
CA ILE A 243 23.14 -14.97 20.75
C ILE A 243 23.77 -16.27 20.24
N ASP A 244 24.80 -16.15 19.39
CA ASP A 244 25.53 -17.33 18.89
C ASP A 244 26.96 -16.97 18.45
N PRO A 245 27.91 -17.13 19.37
CA PRO A 245 29.36 -16.89 19.26
C PRO A 245 30.03 -17.70 18.16
N GLU A 246 29.32 -18.65 17.60
CA GLU A 246 29.89 -19.51 16.59
C GLU A 246 29.39 -19.27 15.20
N SER A 247 28.69 -18.19 15.00
CA SER A 247 28.20 -17.81 13.68
C SER A 247 29.25 -16.89 13.06
N GLN A 248 29.10 -16.59 11.77
CA GLN A 248 30.09 -15.74 11.11
C GLN A 248 30.23 -14.39 11.82
N VAL A 249 29.12 -13.75 12.15
CA VAL A 249 29.16 -12.46 12.80
C VAL A 249 29.33 -12.60 14.31
N GLY A 250 28.76 -13.67 14.88
CA GLY A 250 28.84 -13.91 16.30
C GLY A 250 30.27 -14.06 16.82
N THR A 251 31.12 -14.70 16.03
CA THR A 251 32.52 -14.91 16.43
C THR A 251 33.24 -13.59 16.64
N THR A 252 32.88 -12.59 15.84
CA THR A 252 33.60 -11.33 15.85
C THR A 252 33.07 -10.37 16.92
N ASP A 253 32.05 -10.81 17.66
CA ASP A 253 31.26 -9.93 18.52
C ASP A 253 31.63 -10.06 19.99
N ARG A 254 31.67 -8.92 20.68
CA ARG A 254 32.06 -8.87 22.08
C ARG A 254 31.22 -9.76 22.98
N ALA A 255 29.91 -9.83 22.69
CA ALA A 255 28.97 -10.62 23.47
C ALA A 255 28.47 -11.86 22.73
N GLY A 256 29.00 -12.10 21.53
CA GLY A 256 28.62 -13.26 20.74
C GLY A 256 27.32 -13.10 19.97
N VAL A 257 26.79 -11.88 19.97
CA VAL A 257 25.56 -11.56 19.26
C VAL A 257 25.60 -11.88 17.77
N LYS A 258 24.63 -12.66 17.32
CA LYS A 258 24.54 -13.07 15.91
C LYS A 258 23.78 -12.07 15.05
N ASP A 259 22.70 -11.52 15.59
CA ASP A 259 21.83 -10.64 14.82
C ASP A 259 20.84 -9.93 15.75
N VAL A 260 20.27 -8.84 15.27
CA VAL A 260 19.12 -8.23 15.92
C VAL A 260 17.93 -8.38 14.98
N ILE A 261 16.91 -9.09 15.45
CA ILE A 261 15.71 -9.32 14.68
C ILE A 261 14.65 -8.32 15.12
N LEU A 262 14.06 -7.61 14.17
CA LEU A 262 13.03 -6.66 14.49
C LEU A 262 11.66 -7.13 14.00
N GLU A 263 10.65 -6.97 14.84
CA GLU A 263 9.28 -7.09 14.39
C GLU A 263 9.07 -5.90 13.46
N SER A 264 8.72 -6.20 12.20
CA SER A 264 8.79 -5.22 11.11
C SER A 264 7.41 -4.98 10.50
N ALA A 265 7.07 -5.80 9.50
CA ALA A 265 5.78 -5.69 8.81
C ALA A 265 4.67 -6.31 9.64
N ILE A 266 4.04 -5.48 10.48
CA ILE A 266 3.00 -5.93 11.39
C ILE A 266 1.79 -6.39 10.61
N THR A 267 1.49 -5.64 9.55
CA THR A 267 0.42 -5.98 8.65
C THR A 267 0.94 -5.91 7.24
N THR A 268 0.24 -6.60 6.34
CA THR A 268 0.52 -6.60 4.92
C THR A 268 -0.79 -6.52 4.10
N ILE A 269 -0.74 -5.75 3.02
CA ILE A 269 -1.85 -5.67 2.09
C ILE A 269 -1.55 -6.47 0.84
N MET A 270 -2.26 -7.59 0.68
CA MET A 270 -2.23 -8.37 -0.56
C MET A 270 -3.11 -7.67 -1.59
N ASP A 271 -2.51 -7.20 -2.67
CA ASP A 271 -3.13 -6.22 -3.55
C ASP A 271 -3.69 -6.82 -4.83
N PHE A 272 -4.98 -6.62 -5.06
CA PHE A 272 -5.65 -6.97 -6.33
C PHE A 272 -5.79 -5.78 -7.27
N GLU A 273 -5.31 -4.62 -6.84
CA GLU A 273 -5.54 -3.39 -7.60
C GLU A 273 -4.29 -2.90 -8.32
N ASP A 274 -3.78 -1.74 -7.90
CA ASP A 274 -2.83 -0.99 -8.72
C ASP A 274 -1.47 -1.65 -8.91
N SER A 275 -1.12 -2.59 -8.05
CA SER A 275 0.16 -3.28 -8.22
C SER A 275 0.11 -4.58 -9.03
N VAL A 276 -1.07 -4.98 -9.50
CA VAL A 276 -1.18 -6.16 -10.37
C VAL A 276 -1.86 -5.86 -11.71
N ALA A 277 -1.53 -6.66 -12.72
CA ALA A 277 -2.19 -6.60 -14.01
C ALA A 277 -3.16 -7.76 -14.15
N ALA A 278 -4.45 -7.46 -14.11
CA ALA A 278 -5.46 -8.52 -14.15
C ALA A 278 -6.65 -8.08 -14.96
N VAL A 279 -6.72 -8.52 -16.21
CA VAL A 279 -7.67 -7.94 -17.14
C VAL A 279 -8.73 -8.93 -17.59
N ASP A 280 -8.66 -10.16 -17.08
CA ASP A 280 -9.64 -11.19 -17.44
C ASP A 280 -9.79 -12.29 -16.38
N ALA A 281 -10.58 -13.31 -16.70
CA ALA A 281 -10.89 -14.37 -15.75
C ALA A 281 -9.63 -15.13 -15.35
N ALA A 282 -8.80 -15.43 -16.34
CA ALA A 282 -7.55 -16.12 -16.08
C ALA A 282 -6.71 -15.37 -15.03
N ASP A 283 -6.58 -14.04 -15.19
CA ASP A 283 -5.72 -13.26 -14.29
C ASP A 283 -6.31 -13.18 -12.88
N LYS A 284 -7.64 -13.03 -12.82
CA LYS A 284 -8.33 -12.93 -11.54
C LYS A 284 -8.21 -14.24 -10.77
N VAL A 285 -8.41 -15.35 -11.46
CA VAL A 285 -8.26 -16.66 -10.84
C VAL A 285 -6.84 -16.87 -10.25
N LEU A 286 -5.81 -16.42 -10.98
CA LEU A 286 -4.43 -16.55 -10.48
C LEU A 286 -4.28 -15.78 -9.17
N GLY A 287 -4.85 -14.57 -9.15
CA GLY A 287 -4.83 -13.75 -7.95
C GLY A 287 -5.65 -14.36 -6.83
N TYR A 288 -6.90 -14.69 -7.14
CA TYR A 288 -7.78 -15.33 -6.18
C TYR A 288 -7.16 -16.62 -5.61
N ARG A 289 -6.49 -17.40 -6.46
CA ARG A 289 -5.86 -18.65 -5.99
C ARG A 289 -4.71 -18.40 -5.02
N ASN A 290 -3.93 -17.33 -5.24
CA ASN A 290 -2.85 -17.01 -4.31
C ASN A 290 -3.41 -16.51 -2.99
N TRP A 291 -4.43 -15.67 -3.08
CA TRP A 291 -5.13 -15.19 -1.88
C TRP A 291 -5.73 -16.38 -1.09
N LEU A 292 -6.25 -17.37 -1.79
CA LEU A 292 -6.69 -18.62 -1.15
C LEU A 292 -5.55 -19.34 -0.44
N GLY A 293 -4.42 -19.50 -1.12
CA GLY A 293 -3.28 -20.20 -0.56
C GLY A 293 -2.72 -19.54 0.70
N LEU A 294 -2.76 -18.21 0.74
CA LEU A 294 -2.29 -17.49 1.91
C LEU A 294 -3.25 -17.70 3.08
N ASN A 295 -4.54 -17.60 2.83
CA ASN A 295 -5.52 -17.80 3.89
C ASN A 295 -5.61 -19.24 4.39
N LYS A 296 -5.42 -20.21 3.49
CA LYS A 296 -5.43 -21.62 3.90
C LYS A 296 -4.07 -21.99 4.51
N GLY A 297 -3.08 -21.17 4.22
CA GLY A 297 -1.76 -21.36 4.80
C GLY A 297 -0.95 -22.36 4.02
N ASP A 298 -1.47 -22.78 2.87
CA ASP A 298 -0.80 -23.79 2.07
C ASP A 298 -0.15 -23.28 0.79
N LEU A 299 -0.13 -21.97 0.59
CA LEU A 299 0.56 -21.41 -0.57
C LEU A 299 2.04 -21.76 -0.50
N ALA A 300 2.57 -22.28 -1.61
CA ALA A 300 3.98 -22.64 -1.66
C ALA A 300 4.59 -22.30 -3.03
N ALA A 301 5.74 -21.64 -3.00
CA ALA A 301 6.46 -21.27 -4.22
C ALA A 301 7.96 -21.53 -4.09
N ARG A 312 9.21 -21.83 -1.34
CA ARG A 312 9.08 -21.25 0.00
C ARG A 312 7.67 -21.46 0.58
N VAL A 313 7.58 -21.48 1.91
CA VAL A 313 6.30 -21.64 2.60
C VAL A 313 6.10 -20.61 3.71
N LEU A 314 4.88 -20.51 4.22
CA LEU A 314 4.57 -19.59 5.29
C LEU A 314 5.28 -20.03 6.57
N ASN A 315 5.64 -19.05 7.41
CA ASN A 315 6.30 -19.33 8.67
C ASN A 315 5.29 -19.65 9.78
N ARG A 316 5.73 -20.42 10.78
CA ARG A 316 4.90 -20.67 11.95
C ARG A 316 5.21 -19.67 13.06
N ASP A 317 4.41 -19.68 14.12
CA ASP A 317 4.61 -18.77 15.25
C ASP A 317 5.93 -19.03 15.98
N ARG A 318 6.36 -18.03 16.75
CA ARG A 318 7.63 -18.10 17.47
C ARG A 318 7.40 -18.36 18.96
N ASN A 319 8.07 -19.38 19.48
CA ASN A 319 7.99 -19.74 20.90
C ASN A 319 9.07 -19.03 21.72
N TYR A 320 8.69 -18.55 22.91
CA TYR A 320 9.63 -17.89 23.81
C TYR A 320 9.42 -18.33 25.26
N THR A 321 10.39 -18.01 26.11
CA THR A 321 10.25 -18.24 27.53
C THR A 321 10.05 -16.89 28.24
N ALA A 322 8.89 -16.72 28.88
CA ALA A 322 8.57 -15.49 29.59
C ALA A 322 9.65 -15.18 30.63
N PRO A 323 9.81 -13.89 31.01
CA PRO A 323 10.86 -13.51 31.98
C PRO A 323 10.89 -14.39 33.23
N GLY A 324 9.72 -14.79 33.73
CA GLY A 324 9.64 -15.56 34.96
C GLY A 324 9.76 -17.06 34.79
N GLY A 325 9.67 -17.54 33.55
CA GLY A 325 9.90 -18.94 33.27
C GLY A 325 8.81 -19.66 32.50
N GLY A 326 7.63 -19.04 32.42
CA GLY A 326 6.52 -19.64 31.67
C GLY A 326 6.73 -19.58 30.15
N GLN A 327 5.95 -20.36 29.41
CA GLN A 327 6.05 -20.41 27.95
C GLN A 327 5.04 -19.50 27.28
N PHE A 328 5.42 -18.92 26.15
CA PHE A 328 4.48 -18.14 25.36
C PHE A 328 4.81 -18.09 23.88
N THR A 329 3.91 -17.51 23.11
CA THR A 329 4.01 -17.54 21.68
C THR A 329 3.77 -16.13 21.13
N LEU A 330 4.53 -15.75 20.09
CA LEU A 330 4.25 -14.53 19.33
C LEU A 330 4.00 -14.85 17.85
N PRO A 331 3.08 -14.11 17.22
CA PRO A 331 2.70 -14.34 15.81
C PRO A 331 3.91 -14.31 14.87
N GLY A 332 3.95 -15.22 13.91
CA GLY A 332 5.08 -15.32 13.00
C GLY A 332 4.80 -14.72 11.63
N ARG A 333 3.58 -14.26 11.44
CA ARG A 333 3.16 -13.78 10.13
C ARG A 333 2.56 -12.39 10.24
N SER A 334 2.79 -11.60 9.19
CA SER A 334 2.07 -10.35 8.99
C SER A 334 0.57 -10.66 8.90
N LEU A 335 -0.22 -9.93 9.68
CA LEU A 335 -1.67 -9.98 9.55
C LEU A 335 -2.08 -9.37 8.19
N MET A 336 -2.90 -10.08 7.44
CA MET A 336 -3.19 -9.69 6.05
C MET A 336 -4.46 -8.88 5.85
N PHE A 337 -4.32 -7.80 5.08
CA PHE A 337 -5.43 -7.11 4.45
C PHE A 337 -5.47 -7.60 3.01
N VAL A 338 -6.60 -7.44 2.35
CA VAL A 338 -6.64 -7.55 0.92
C VAL A 338 -7.15 -6.23 0.32
N ARG A 339 -6.46 -5.72 -0.69
CA ARG A 339 -6.99 -4.54 -1.39
C ARG A 339 -7.76 -4.99 -2.63
N ASN A 340 -9.07 -4.80 -2.58
CA ASN A 340 -9.98 -5.03 -3.69
C ASN A 340 -9.84 -3.92 -4.71
N VAL A 341 -10.32 -4.12 -5.93
CA VAL A 341 -10.38 -2.97 -6.84
C VAL A 341 -11.55 -2.05 -6.43
N GLY A 342 -11.53 -0.82 -6.94
CA GLY A 342 -12.56 0.16 -6.65
C GLY A 342 -13.79 0.06 -7.54
N HIS A 343 -14.59 1.13 -7.53
CA HIS A 343 -15.92 1.12 -8.13
C HIS A 343 -15.98 1.22 -9.67
N LEU A 344 -14.86 1.54 -10.32
CA LEU A 344 -14.93 1.91 -11.74
C LEU A 344 -15.14 0.72 -12.68
N MET A 345 -14.21 -0.21 -12.63
CA MET A 345 -14.02 -1.15 -13.72
C MET A 345 -14.94 -2.35 -13.71
N THR A 346 -15.21 -2.82 -14.91
CA THR A 346 -15.84 -4.10 -15.07
C THR A 346 -14.77 -5.06 -15.53
N ASN A 347 -15.09 -6.35 -15.52
CA ASN A 347 -14.18 -7.38 -15.94
C ASN A 347 -14.99 -8.47 -16.64
N ASP A 348 -14.48 -9.04 -17.73
CA ASP A 348 -15.30 -10.05 -18.42
C ASP A 348 -15.30 -11.43 -17.76
N ALA A 349 -14.76 -11.54 -16.56
CA ALA A 349 -14.83 -12.77 -15.77
C ALA A 349 -16.28 -13.22 -15.61
N ILE A 350 -17.18 -12.26 -15.55
CA ILE A 350 -18.61 -12.52 -15.61
C ILE A 350 -19.23 -11.49 -16.53
N VAL A 351 -20.10 -11.95 -17.43
CA VAL A 351 -20.92 -11.05 -18.22
C VAL A 351 -22.38 -11.43 -18.00
N ASP A 352 -23.30 -10.51 -18.30
CA ASP A 352 -24.71 -10.85 -18.20
C ASP A 352 -25.26 -11.31 -19.55
N THR A 353 -26.56 -11.55 -19.59
CA THR A 353 -27.25 -12.02 -20.80
C THR A 353 -26.95 -11.16 -22.05
N ASP A 354 -26.82 -9.85 -21.86
CA ASP A 354 -26.54 -8.94 -22.96
C ASP A 354 -25.07 -8.95 -23.37
N GLY A 355 -24.24 -9.64 -22.60
CA GLY A 355 -22.81 -9.58 -22.80
C GLY A 355 -22.13 -8.44 -22.05
N SER A 356 -22.87 -7.75 -21.18
CA SER A 356 -22.27 -6.67 -20.38
C SER A 356 -21.39 -7.26 -19.29
N GLU A 357 -20.16 -6.76 -19.16
CA GLU A 357 -19.29 -7.19 -18.08
C GLU A 357 -19.85 -6.76 -16.73
N VAL A 358 -19.47 -7.49 -15.66
CA VAL A 358 -19.95 -7.20 -14.32
C VAL A 358 -18.90 -6.32 -13.59
N PHE A 359 -19.36 -5.46 -12.69
CA PHE A 359 -18.45 -4.62 -11.90
C PHE A 359 -17.44 -5.47 -11.12
N GLU A 360 -16.17 -5.13 -11.26
CA GLU A 360 -15.08 -5.92 -10.69
C GLU A 360 -15.00 -5.76 -9.18
N GLY A 361 -15.29 -4.56 -8.70
CA GLY A 361 -15.39 -4.30 -7.27
C GLY A 361 -16.42 -5.18 -6.58
N ILE A 362 -17.58 -5.35 -7.20
CA ILE A 362 -18.61 -6.18 -6.59
C ILE A 362 -18.11 -7.64 -6.54
N MET A 363 -17.56 -8.11 -7.65
CA MET A 363 -16.98 -9.45 -7.69
C MET A 363 -15.87 -9.64 -6.65
N ASP A 364 -14.97 -8.66 -6.50
CA ASP A 364 -13.88 -8.81 -5.53
C ASP A 364 -14.40 -9.04 -4.11
N ALA A 365 -15.47 -8.35 -3.76
CA ALA A 365 -16.01 -8.44 -2.41
C ALA A 365 -16.55 -9.84 -2.10
N LEU A 366 -17.27 -10.39 -3.07
CA LEU A 366 -17.83 -11.74 -2.99
C LEU A 366 -16.75 -12.81 -2.92
N PHE A 367 -15.76 -12.72 -3.81
CA PHE A 367 -14.74 -13.77 -3.92
C PHE A 367 -13.59 -13.64 -2.90
N THR A 368 -13.05 -12.45 -2.73
CA THR A 368 -12.02 -12.27 -1.68
C THR A 368 -12.62 -12.47 -0.29
N GLY A 369 -13.85 -12.03 -0.10
CA GLY A 369 -14.57 -12.30 1.14
C GLY A 369 -14.76 -13.79 1.38
N LEU A 370 -15.30 -14.51 0.39
CA LEU A 370 -15.43 -15.97 0.47
C LEU A 370 -14.11 -16.61 0.88
N ILE A 371 -13.09 -16.32 0.08
CA ILE A 371 -11.75 -16.86 0.28
C ILE A 371 -11.17 -16.54 1.65
N ALA A 372 -11.48 -15.34 2.15
CA ALA A 372 -11.00 -14.91 3.47
C ALA A 372 -11.52 -15.76 4.63
N ILE A 373 -12.66 -16.43 4.44
CA ILE A 373 -13.21 -17.32 5.48
C ILE A 373 -12.17 -18.36 5.91
N HIS A 374 -11.38 -18.86 4.97
CA HIS A 374 -10.32 -19.82 5.28
C HIS A 374 -9.27 -19.28 6.25
N GLY A 375 -9.04 -17.98 6.24
CA GLY A 375 -8.04 -17.36 7.10
C GLY A 375 -8.58 -17.15 8.50
N LEU A 376 -9.87 -17.37 8.68
CA LEU A 376 -10.51 -17.34 9.98
C LEU A 376 -10.64 -18.74 10.59
N LYS A 377 -10.01 -19.73 9.97
CA LYS A 377 -10.08 -21.10 10.48
C LYS A 377 -8.76 -21.84 10.35
N ALA A 378 -8.60 -22.88 11.17
CA ALA A 378 -7.35 -23.62 11.23
C ALA A 378 -6.96 -24.12 9.86
N SER A 379 -5.68 -23.96 9.54
CA SER A 379 -5.17 -24.38 8.24
C SER A 379 -5.16 -25.90 8.14
N ASP A 380 -4.13 -26.42 7.49
CA ASP A 380 -3.85 -27.85 7.53
C ASP A 380 -2.37 -27.91 7.82
N VAL A 381 -1.67 -26.96 7.21
CA VAL A 381 -0.24 -26.76 7.36
C VAL A 381 0.06 -25.87 8.57
N GLY A 383 -2.09 -27.01 11.67
CA GLY A 383 -1.66 -25.67 12.06
C GLY A 383 -2.82 -24.77 12.42
N PRO A 384 -2.60 -23.85 13.39
CA PRO A 384 -3.59 -22.86 13.85
C PRO A 384 -4.00 -21.92 12.73
N LEU A 385 -5.09 -21.17 12.92
CA LEU A 385 -5.55 -20.27 11.86
C LEU A 385 -4.51 -19.20 11.51
N ILE A 386 -4.41 -18.93 10.22
CA ILE A 386 -3.37 -18.09 9.68
C ILE A 386 -3.56 -16.63 10.06
N ASN A 387 -4.81 -16.15 10.00
CA ASN A 387 -5.01 -14.70 10.01
C ASN A 387 -5.69 -14.08 11.23
N SER A 388 -6.95 -13.67 11.09
CA SER A 388 -7.63 -12.93 12.15
C SER A 388 -8.26 -13.81 13.22
N ARG A 389 -7.70 -13.75 14.42
CA ARG A 389 -8.24 -14.50 15.55
C ARG A 389 -9.48 -13.83 16.09
N THR A 390 -9.63 -12.54 15.79
CA THR A 390 -10.79 -11.79 16.28
C THR A 390 -12.00 -11.91 15.36
N GLY A 391 -11.83 -12.59 14.23
CA GLY A 391 -12.94 -12.89 13.34
C GLY A 391 -13.26 -11.84 12.28
N SER A 392 -12.27 -11.05 11.88
CA SER A 392 -12.49 -9.96 10.93
C SER A 392 -11.87 -10.24 9.58
N ILE A 393 -12.47 -9.70 8.53
CA ILE A 393 -11.87 -9.71 7.20
C ILE A 393 -11.54 -8.26 6.88
N TYR A 394 -10.32 -8.02 6.44
CA TYR A 394 -9.82 -6.65 6.30
C TYR A 394 -9.65 -6.27 4.84
N ILE A 395 -10.59 -5.49 4.31
CA ILE A 395 -10.56 -5.12 2.92
C ILE A 395 -10.25 -3.64 2.71
N VAL A 396 -9.14 -3.39 2.03
CA VAL A 396 -8.81 -2.03 1.59
C VAL A 396 -9.55 -1.68 0.30
N LYS A 397 -10.24 -0.54 0.33
CA LYS A 397 -11.09 -0.12 -0.77
C LYS A 397 -10.55 1.20 -1.33
N PRO A 398 -9.98 1.16 -2.53
CA PRO A 398 -9.31 2.33 -3.08
C PRO A 398 -10.24 3.21 -3.92
N LYS A 399 -9.81 4.44 -4.20
CA LYS A 399 -10.38 5.24 -5.27
C LYS A 399 -11.87 5.60 -5.08
N MET A 400 -12.35 5.68 -3.85
CA MET A 400 -13.71 6.13 -3.66
C MET A 400 -13.80 7.65 -3.70
N HIS A 401 -14.95 8.15 -4.16
CA HIS A 401 -15.19 9.58 -4.21
C HIS A 401 -16.36 9.96 -3.32
N GLY A 402 -16.09 10.33 -2.08
CA GLY A 402 -17.12 10.89 -1.22
C GLY A 402 -17.92 9.88 -0.39
N PRO A 403 -18.75 10.39 0.53
CA PRO A 403 -19.47 9.61 1.54
C PRO A 403 -20.46 8.60 0.97
N ALA A 404 -21.21 8.96 -0.07
CA ALA A 404 -22.18 8.03 -0.62
C ALA A 404 -21.49 6.80 -1.24
N GLU A 405 -20.29 6.99 -1.76
CA GLU A 405 -19.51 5.85 -2.28
C GLU A 405 -18.98 4.94 -1.18
N VAL A 406 -18.66 5.52 -0.02
CA VAL A 406 -18.25 4.70 1.13
C VAL A 406 -19.43 3.92 1.64
N ALA A 407 -20.59 4.57 1.73
CA ALA A 407 -21.81 3.91 2.16
C ALA A 407 -22.17 2.78 1.21
N PHE A 408 -21.97 3.01 -0.09
CA PHE A 408 -22.23 1.95 -1.05
C PHE A 408 -21.36 0.70 -0.84
N THR A 409 -20.10 0.90 -0.44
CA THR A 409 -19.18 -0.22 -0.18
C THR A 409 -19.59 -0.96 1.09
N CYS A 410 -20.00 -0.20 2.09
CA CYS A 410 -20.49 -0.74 3.33
C CYS A 410 -21.71 -1.60 3.08
N GLU A 411 -22.59 -1.12 2.21
CA GLU A 411 -23.79 -1.87 1.85
C GLU A 411 -23.44 -3.10 1.00
N LEU A 412 -22.47 -2.98 0.11
CA LEU A 412 -21.93 -4.14 -0.58
C LEU A 412 -21.40 -5.16 0.42
N PHE A 413 -20.56 -4.71 1.37
CA PHE A 413 -20.02 -5.63 2.36
C PHE A 413 -21.15 -6.30 3.14
N SER A 414 -22.16 -5.50 3.50
CA SER A 414 -23.32 -6.01 4.24
C SER A 414 -24.02 -7.15 3.51
N ARG A 415 -24.26 -6.98 2.22
CA ARG A 415 -24.95 -8.01 1.42
C ARG A 415 -24.12 -9.29 1.21
N VAL A 416 -22.80 -9.13 1.07
CA VAL A 416 -21.90 -10.26 0.92
C VAL A 416 -21.87 -11.12 2.18
N GLU A 417 -21.74 -10.46 3.33
CA GLU A 417 -21.76 -11.12 4.63
C GLU A 417 -22.98 -12.05 4.78
N ASP A 418 -24.12 -11.63 4.26
CA ASP A 418 -25.33 -12.45 4.28
C ASP A 418 -25.16 -13.69 3.43
N VAL A 419 -24.84 -13.48 2.15
CA VAL A 419 -24.47 -14.56 1.24
C VAL A 419 -23.45 -15.52 1.87
N LEU A 420 -22.51 -14.97 2.63
CA LEU A 420 -21.44 -15.80 3.19
C LEU A 420 -21.82 -16.45 4.53
N GLY A 421 -22.93 -16.01 5.12
CA GLY A 421 -23.33 -16.50 6.43
C GLY A 421 -22.53 -15.86 7.54
N LEU A 422 -21.84 -14.76 7.22
CA LEU A 422 -21.01 -14.08 8.21
C LEU A 422 -21.83 -13.08 9.03
N PRO A 423 -21.44 -12.86 10.29
CA PRO A 423 -22.11 -11.84 11.08
C PRO A 423 -21.85 -10.47 10.48
N GLN A 424 -22.87 -9.60 10.49
CA GLN A 424 -22.74 -8.24 9.98
C GLN A 424 -21.51 -7.54 10.55
N ASN A 425 -20.84 -6.79 9.69
CA ASN A 425 -19.61 -6.06 10.03
C ASN A 425 -18.39 -6.93 10.20
N THR A 426 -18.45 -8.17 9.75
CA THR A 426 -17.26 -9.01 9.74
C THR A 426 -16.25 -8.41 8.77
N MET A 427 -16.76 -7.92 7.65
CA MET A 427 -15.93 -7.35 6.60
C MET A 427 -15.67 -5.88 6.92
N LYS A 428 -14.44 -5.62 7.38
CA LYS A 428 -14.00 -4.31 7.79
C LYS A 428 -13.51 -3.53 6.59
N ILE A 429 -13.56 -2.19 6.66
CA ILE A 429 -13.11 -1.38 5.52
C ILE A 429 -11.86 -0.52 5.81
N GLY A 430 -10.90 -0.57 4.90
CA GLY A 430 -9.75 0.32 4.98
C GLY A 430 -9.98 1.40 3.95
N ILE A 431 -10.33 2.60 4.42
CA ILE A 431 -10.66 3.69 3.53
C ILE A 431 -9.44 4.42 2.97
N MET A 432 -9.15 4.28 1.69
CA MET A 432 -8.11 5.10 1.10
C MET A 432 -8.62 6.50 0.83
N ASP A 433 -7.84 7.48 1.29
CA ASP A 433 -8.10 8.89 1.00
C ASP A 433 -7.12 9.27 -0.12
N GLU A 434 -7.57 9.10 -1.35
CA GLU A 434 -6.75 9.32 -2.54
C GLU A 434 -7.53 9.94 -3.69
N GLU A 435 -8.71 10.45 -3.37
CA GLU A 435 -9.53 11.23 -4.29
C GLU A 435 -9.96 12.52 -3.56
N ARG A 436 -10.03 13.63 -4.28
CA ARG A 436 -10.30 14.94 -3.67
C ARG A 436 -11.68 15.05 -3.03
N ARG A 437 -12.69 14.42 -3.64
CA ARG A 437 -14.03 14.48 -3.09
C ARG A 437 -14.13 13.69 -1.77
N THR A 438 -13.21 12.76 -1.56
CA THR A 438 -13.13 12.08 -0.28
C THR A 438 -12.39 12.97 0.72
N THR A 439 -11.25 13.52 0.31
CA THR A 439 -10.47 14.41 1.16
C THR A 439 -11.33 15.51 1.84
N VAL A 440 -12.05 16.29 1.05
CA VAL A 440 -12.82 17.42 1.59
C VAL A 440 -14.14 17.04 2.25
N ASN A 441 -14.49 15.76 2.23
CA ASN A 441 -15.62 15.24 3.01
C ASN A 441 -15.18 14.07 3.87
N LEU A 442 -13.93 14.08 4.30
CA LEU A 442 -13.34 12.90 4.93
C LEU A 442 -14.10 12.44 6.17
N LYS A 443 -14.48 13.38 7.02
CA LYS A 443 -15.23 13.08 8.25
C LYS A 443 -16.55 12.34 7.96
N ALA A 444 -17.32 12.84 6.99
CA ALA A 444 -18.51 12.15 6.50
C ALA A 444 -18.20 10.75 5.96
N CYS A 445 -17.06 10.60 5.27
CA CYS A 445 -16.65 9.32 4.73
C CYS A 445 -16.37 8.31 5.85
N ILE A 446 -15.71 8.77 6.91
CA ILE A 446 -15.47 7.96 8.09
C ILE A 446 -16.77 7.61 8.80
N LYS A 447 -17.66 8.59 8.94
CA LYS A 447 -18.96 8.39 9.58
C LYS A 447 -19.80 7.36 8.83
N ALA A 448 -19.80 7.45 7.51
CA ALA A 448 -20.54 6.51 6.68
C ALA A 448 -20.13 5.06 6.96
N ALA A 449 -18.91 4.89 7.44
CA ALA A 449 -18.38 3.57 7.72
C ALA A 449 -17.98 3.41 9.20
N ALA A 450 -18.65 4.16 10.08
CA ALA A 450 -18.25 4.24 11.49
C ALA A 450 -18.20 2.89 12.25
N ASP A 451 -18.87 1.86 11.73
CA ASP A 451 -18.89 0.57 12.41
C ASP A 451 -18.05 -0.50 11.67
N ARG A 452 -17.45 -0.10 10.55
CA ARG A 452 -16.61 -1.00 9.77
C ARG A 452 -15.16 -0.53 9.58
N VAL A 453 -14.89 0.75 9.77
CA VAL A 453 -13.59 1.29 9.38
C VAL A 453 -12.43 0.85 10.30
N VAL A 454 -11.37 0.34 9.69
CA VAL A 454 -10.17 -0.05 10.43
C VAL A 454 -8.91 0.72 10.02
N PHE A 455 -8.98 1.46 8.94
CA PHE A 455 -7.96 2.47 8.64
C PHE A 455 -8.41 3.53 7.67
N ILE A 456 -7.64 4.62 7.64
CA ILE A 456 -7.64 5.56 6.53
C ILE A 456 -6.17 5.73 6.17
N ASN A 457 -5.87 6.15 4.95
CA ASN A 457 -4.51 6.54 4.62
C ASN A 457 -4.41 7.53 3.47
N THR A 458 -3.22 8.07 3.29
CA THR A 458 -2.96 9.02 2.23
C THR A 458 -1.86 8.51 1.33
N GLY A 459 -1.73 9.14 0.17
CA GLY A 459 -0.65 8.81 -0.75
C GLY A 459 -0.24 10.05 -1.52
N PHE A 460 0.40 9.84 -2.65
CA PHE A 460 0.80 10.92 -3.51
C PHE A 460 0.17 10.75 -4.89
N LEU A 461 0.37 9.58 -5.47
CA LEU A 461 0.13 9.42 -6.90
C LEU A 461 -1.34 9.58 -7.33
N ASP A 462 -2.23 8.71 -6.83
CA ASP A 462 -3.63 8.79 -7.22
C ASP A 462 -4.19 10.14 -6.83
N ARG A 463 -3.87 10.57 -5.60
CA ARG A 463 -4.45 11.81 -5.08
C ARG A 463 -4.04 13.02 -5.93
N THR A 464 -2.79 13.06 -6.37
CA THR A 464 -2.33 14.14 -7.24
C THR A 464 -2.94 14.04 -8.63
N GLY A 465 -3.10 12.81 -9.10
CA GLY A 465 -3.77 12.57 -10.38
C GLY A 465 -5.19 13.11 -10.37
N ASP A 466 -5.94 12.82 -9.31
CA ASP A 466 -7.29 13.35 -9.21
C ASP A 466 -7.29 14.87 -9.07
N GLU A 467 -6.30 15.40 -8.34
CA GLU A 467 -6.18 16.83 -8.15
C GLU A 467 -6.04 17.54 -9.50
N ILE A 468 -5.17 17.01 -10.36
CA ILE A 468 -4.94 17.58 -11.68
C ILE A 468 -6.18 17.46 -12.58
N HIS A 469 -6.80 16.28 -12.61
CA HIS A 469 -7.93 16.07 -13.50
C HIS A 469 -9.11 16.95 -13.12
N THR A 470 -9.41 17.00 -11.82
CA THR A 470 -10.49 17.84 -11.29
C THR A 470 -10.36 19.30 -11.72
N SER A 471 -9.16 19.87 -11.59
CA SER A 471 -8.97 21.26 -12.00
C SER A 471 -8.30 21.37 -13.37
N MET A 472 -8.44 20.31 -14.17
CA MET A 472 -7.84 20.27 -15.51
C MET A 472 -8.04 21.57 -16.30
N GLU A 473 -9.26 22.08 -16.30
CA GLU A 473 -9.60 23.30 -17.06
C GLU A 473 -9.10 24.63 -16.45
N ALA A 474 -8.61 24.60 -15.21
CA ALA A 474 -8.18 25.82 -14.51
C ALA A 474 -6.97 26.51 -15.13
N GLY A 475 -6.04 25.73 -15.65
CA GLY A 475 -4.80 26.28 -16.18
C GLY A 475 -3.69 25.26 -15.99
N PRO A 476 -2.48 25.62 -16.38
CA PRO A 476 -1.31 24.74 -16.29
C PRO A 476 -0.94 24.44 -14.84
N MET A 477 -0.71 23.18 -14.51
CA MET A 477 -0.30 22.78 -13.17
C MET A 477 1.22 22.82 -12.99
N VAL A 478 1.67 22.89 -11.73
CA VAL A 478 3.09 22.74 -11.42
C VAL A 478 3.62 21.35 -11.77
N ARG A 479 4.94 21.21 -11.78
CA ARG A 479 5.59 19.95 -12.11
C ARG A 479 5.30 18.89 -11.08
N LYS A 480 5.49 17.62 -11.49
CA LYS A 480 5.21 16.47 -10.65
C LYS A 480 6.00 16.51 -9.35
N GLY A 481 7.30 16.79 -9.47
CA GLY A 481 8.17 16.94 -8.32
C GLY A 481 7.67 18.03 -7.38
N THR A 482 7.22 19.13 -7.97
CA THR A 482 6.72 20.27 -7.20
C THR A 482 5.47 19.90 -6.39
N MET A 483 4.61 19.06 -6.97
CA MET A 483 3.33 18.69 -6.35
C MET A 483 3.49 18.11 -4.95
N LYS A 484 4.63 17.45 -4.71
CA LYS A 484 4.87 16.77 -3.45
C LYS A 484 4.90 17.73 -2.27
N SER A 485 5.07 19.02 -2.56
CA SER A 485 5.20 20.00 -1.50
C SER A 485 4.16 21.11 -1.58
N GLN A 486 3.19 20.95 -2.46
CA GLN A 486 2.17 21.97 -2.65
C GLN A 486 1.31 22.13 -1.37
N PRO A 487 0.76 23.33 -1.17
CA PRO A 487 -0.10 23.57 -0.01
C PRO A 487 -1.31 22.62 0.10
N TRP A 488 -1.98 22.32 -1.03
CA TRP A 488 -3.12 21.39 -0.98
C TRP A 488 -2.73 20.01 -0.39
N ILE A 489 -1.56 19.48 -0.76
CA ILE A 489 -1.16 18.14 -0.32
C ILE A 489 -0.64 18.09 1.12
N LEU A 490 -0.01 19.16 1.55
CA LEU A 490 0.48 19.19 2.93
C LEU A 490 -0.71 19.31 3.86
N ALA A 491 -1.71 20.07 3.43
CA ALA A 491 -2.94 20.21 4.19
C ALA A 491 -3.74 18.90 4.18
N TYR A 492 -3.79 18.26 3.01
CA TYR A 492 -4.45 16.95 2.87
C TYR A 492 -3.87 15.88 3.80
N GLU A 493 -2.55 15.86 3.90
CA GLU A 493 -1.85 14.91 4.79
C GLU A 493 -2.27 15.13 6.25
N ASP A 494 -2.30 16.38 6.68
CA ASP A 494 -2.62 16.73 8.06
C ASP A 494 -4.09 16.55 8.42
N HIS A 495 -4.96 17.06 7.55
CA HIS A 495 -6.40 16.88 7.63
C HIS A 495 -6.80 15.41 7.80
N ASN A 496 -6.08 14.51 7.14
CA ASN A 496 -6.36 13.08 7.21
C ASN A 496 -6.11 12.54 8.61
N VAL A 497 -4.92 12.83 9.14
CA VAL A 497 -4.59 12.54 10.52
C VAL A 497 -5.57 13.15 11.52
N ASP A 498 -5.86 14.45 11.39
CA ASP A 498 -6.84 15.11 12.28
C ASP A 498 -8.20 14.44 12.28
N ALA A 499 -8.68 14.06 11.10
CA ALA A 499 -10.03 13.51 10.98
C ALA A 499 -10.08 12.17 11.69
N GLY A 500 -9.06 11.34 11.46
CA GLY A 500 -9.00 10.04 12.09
C GLY A 500 -8.96 10.15 13.60
N LEU A 501 -8.04 10.98 14.09
CA LEU A 501 -7.91 11.21 15.53
C LEU A 501 -9.22 11.69 16.17
N ALA A 502 -9.90 12.62 15.50
CA ALA A 502 -11.14 13.19 16.02
C ALA A 502 -12.28 12.15 16.08
N ALA A 503 -12.22 11.14 15.20
CA ALA A 503 -13.22 10.07 15.16
C ALA A 503 -12.80 8.90 16.04
N GLY A 504 -11.77 9.11 16.85
CA GLY A 504 -11.35 8.15 17.85
C GLY A 504 -10.47 7.04 17.32
N PHE A 505 -9.76 7.28 16.23
CA PHE A 505 -8.92 6.23 15.68
C PHE A 505 -7.84 5.76 16.64
N SER A 506 -7.36 6.65 17.52
CA SER A 506 -6.23 6.28 18.38
C SER A 506 -6.65 5.12 19.27
N GLY A 507 -5.95 4.01 19.15
CA GLY A 507 -6.31 2.80 19.90
C GLY A 507 -7.45 2.00 19.28
N ARG A 508 -7.92 2.41 18.11
CA ARG A 508 -9.05 1.73 17.46
C ARG A 508 -8.82 1.36 15.99
N ALA A 509 -8.18 2.25 15.22
CA ALA A 509 -7.94 1.99 13.80
C ALA A 509 -6.63 2.63 13.36
N GLN A 510 -6.11 2.21 12.21
CA GLN A 510 -4.85 2.71 11.72
C GLN A 510 -5.00 4.05 11.02
N VAL A 511 -4.01 4.92 11.21
CA VAL A 511 -3.90 6.15 10.43
C VAL A 511 -2.62 6.02 9.63
N GLY A 512 -2.74 5.80 8.32
CA GLY A 512 -1.59 5.45 7.51
C GLY A 512 -1.12 6.52 6.55
N LYS A 513 0.15 6.46 6.19
CA LYS A 513 0.71 7.34 5.17
C LYS A 513 1.41 6.53 4.08
N GLY A 514 1.91 7.23 3.07
CA GLY A 514 2.30 6.62 1.82
C GLY A 514 3.62 5.89 1.68
N MET A 515 3.83 5.36 0.47
CA MET A 515 4.95 4.51 0.11
C MET A 515 6.26 5.25 -0.07
N TRP A 516 7.35 4.65 0.40
CA TRP A 516 8.68 5.03 -0.05
C TRP A 516 8.98 4.21 -1.31
N THR A 517 9.13 4.92 -2.41
CA THR A 517 9.23 4.27 -3.70
C THR A 517 10.66 3.91 -4.08
N MET A 518 11.62 4.60 -3.47
CA MET A 518 13.03 4.48 -3.84
C MET A 518 13.79 3.33 -3.15
N THR A 519 13.60 2.13 -3.71
CA THR A 519 13.96 0.88 -3.08
C THR A 519 15.43 0.68 -2.75
N GLU A 520 16.31 1.35 -3.50
CA GLU A 520 17.75 1.29 -3.23
C GLU A 520 18.22 2.43 -2.33
N LEU A 521 17.38 3.45 -2.17
CA LEU A 521 17.76 4.63 -1.39
C LEU A 521 17.35 4.51 0.08
N MET A 522 17.86 3.48 0.74
CA MET A 522 17.46 3.16 2.10
C MET A 522 18.02 4.11 3.17
N ALA A 523 19.19 4.68 2.92
CA ALA A 523 19.76 5.69 3.82
C ALA A 523 18.87 6.92 3.91
N ASP A 524 18.39 7.36 2.75
CA ASP A 524 17.48 8.50 2.69
C ASP A 524 16.16 8.13 3.32
N MET A 525 15.74 6.87 3.18
CA MET A 525 14.48 6.45 3.77
C MET A 525 14.55 6.59 5.29
N VAL A 526 15.57 5.97 5.89
CA VAL A 526 15.77 6.00 7.33
C VAL A 526 15.89 7.44 7.84
N GLU A 527 16.64 8.24 7.10
CA GLU A 527 16.80 9.66 7.43
C GLU A 527 15.48 10.43 7.33
N THR A 528 14.70 10.22 6.27
CA THR A 528 13.55 11.10 6.06
C THR A 528 12.14 10.54 6.37
N LYS A 529 11.93 9.23 6.17
CA LYS A 529 10.58 8.66 6.34
C LYS A 529 10.06 8.75 7.80
N ILE A 530 10.97 9.04 8.73
CA ILE A 530 10.63 9.31 10.14
C ILE A 530 9.56 10.40 10.34
N ALA A 531 9.41 11.29 9.35
CA ALA A 531 8.38 12.35 9.38
C ALA A 531 6.97 11.82 9.54
N GLN A 532 6.74 10.61 9.05
CA GLN A 532 5.39 10.03 9.07
C GLN A 532 4.87 9.65 10.46
N PRO A 533 5.64 8.87 11.26
CA PRO A 533 5.12 8.62 12.61
C PRO A 533 5.15 9.89 13.47
N ARG A 534 6.03 10.83 13.14
CA ARG A 534 6.12 12.10 13.85
C ARG A 534 4.89 12.96 13.57
N ALA A 535 4.28 12.73 12.41
CA ALA A 535 3.05 13.40 12.04
C ALA A 535 1.82 12.67 12.61
N GLY A 536 2.07 11.62 13.40
CA GLY A 536 0.99 10.88 14.05
C GLY A 536 0.40 9.70 13.29
N ALA A 537 1.08 9.26 12.22
CA ALA A 537 0.64 8.09 11.47
C ALA A 537 1.00 6.81 12.21
N SER A 538 0.02 5.95 12.51
CA SER A 538 0.32 4.71 13.22
C SER A 538 0.86 3.65 12.26
N THR A 539 0.81 3.94 10.97
CA THR A 539 1.41 3.06 9.98
C THR A 539 1.80 3.80 8.70
N ALA A 540 2.67 3.18 7.93
CA ALA A 540 3.05 3.72 6.61
C ALA A 540 3.54 2.60 5.71
N TRP A 541 3.46 2.84 4.40
CA TRP A 541 3.70 1.81 3.40
C TRP A 541 5.17 1.65 3.06
N VAL A 542 5.60 0.40 2.93
CA VAL A 542 6.96 0.09 2.52
C VAL A 542 6.93 -0.90 1.38
N PRO A 543 7.98 -0.88 0.53
CA PRO A 543 7.95 -1.67 -0.70
C PRO A 543 8.54 -3.07 -0.58
N SER A 544 9.23 -3.35 0.53
CA SER A 544 9.94 -4.61 0.67
C SER A 544 10.08 -5.00 2.14
N PRO A 545 10.30 -6.29 2.42
CA PRO A 545 10.61 -6.73 3.79
C PRO A 545 11.81 -5.96 4.34
N THR A 546 12.81 -5.74 3.49
CA THR A 546 14.00 -5.00 3.91
C THR A 546 13.65 -3.59 4.35
N ALA A 547 12.87 -2.88 3.56
CA ALA A 547 12.37 -1.57 3.95
C ALA A 547 11.53 -1.61 5.22
N ALA A 548 10.72 -2.65 5.39
CA ALA A 548 9.88 -2.78 6.58
C ALA A 548 10.73 -2.83 7.84
N THR A 549 11.82 -3.59 7.80
CA THR A 549 12.77 -3.67 8.91
C THR A 549 13.41 -2.31 9.25
N LEU A 550 13.84 -1.57 8.24
CA LEU A 550 14.45 -0.27 8.44
C LEU A 550 13.44 0.80 8.92
N HIS A 551 12.25 0.80 8.36
CA HIS A 551 11.21 1.74 8.77
C HIS A 551 10.71 1.45 10.18
N ALA A 552 10.98 0.23 10.66
CA ALA A 552 10.59 -0.15 12.00
C ALA A 552 11.39 0.66 13.02
N LEU A 553 12.64 0.98 12.67
CA LEU A 553 13.48 1.85 13.50
C LEU A 553 12.74 3.12 13.92
N HIS A 554 12.03 3.72 12.96
CA HIS A 554 11.26 4.94 13.20
C HIS A 554 10.21 4.81 14.29
N TYR A 555 9.62 3.63 14.43
CA TYR A 555 8.61 3.43 15.47
C TYR A 555 9.24 3.19 16.83
N HIS A 556 10.53 2.89 16.84
CA HIS A 556 11.25 2.81 18.11
C HIS A 556 11.69 4.19 18.60
N GLN A 557 12.02 5.07 17.66
CA GLN A 557 12.48 6.41 17.98
C GLN A 557 11.33 7.37 18.31
N VAL A 558 10.12 7.04 17.86
CA VAL A 558 8.97 7.94 17.96
C VAL A 558 7.80 7.21 18.58
N ASP A 559 7.28 7.77 19.66
CA ASP A 559 6.14 7.22 20.38
C ASP A 559 4.85 7.68 19.69
N VAL A 560 4.39 6.90 18.71
CA VAL A 560 3.22 7.30 17.94
C VAL A 560 1.98 7.54 18.80
N ALA A 561 1.79 6.68 19.81
CA ALA A 561 0.66 6.85 20.72
C ALA A 561 0.71 8.22 21.42
N ALA A 562 1.90 8.62 21.85
CA ALA A 562 2.11 9.93 22.48
C ALA A 562 1.89 11.09 21.51
N VAL A 563 2.41 10.97 20.30
CA VAL A 563 2.16 11.99 19.29
C VAL A 563 0.67 12.19 19.02
N GLN A 564 -0.08 11.10 18.93
CA GLN A 564 -1.51 11.19 18.63
C GLN A 564 -2.34 11.84 19.74
N GLN A 565 -1.98 11.56 21.00
CA GLN A 565 -2.66 12.16 22.15
C GLN A 565 -2.42 13.68 22.17
N GLY A 566 -1.21 14.08 21.80
CA GLY A 566 -0.88 15.49 21.73
C GLY A 566 -1.54 16.22 20.57
N LEU A 567 -1.91 15.49 19.53
CA LEU A 567 -2.56 16.08 18.36
C LEU A 567 -4.07 16.26 18.57
N ALA A 568 -4.60 15.56 19.58
CA ALA A 568 -6.04 15.57 19.90
C ALA A 568 -6.67 16.95 19.94
N GLY A 569 -7.80 17.08 19.25
CA GLY A 569 -8.53 18.33 19.21
C GLY A 569 -8.04 19.35 18.20
N LYS A 570 -6.80 19.23 17.73
CA LYS A 570 -6.23 20.19 16.78
C LYS A 570 -6.85 20.08 15.39
N ARG A 571 -7.07 21.24 14.77
CA ARG A 571 -7.42 21.29 13.35
C ARG A 571 -6.33 22.10 12.67
N ARG A 572 -5.40 21.38 12.05
CA ARG A 572 -4.22 21.97 11.45
C ARG A 572 -4.37 22.32 9.96
N ALA A 573 -5.56 22.08 9.41
CA ALA A 573 -5.80 22.37 8.00
C ALA A 573 -7.20 22.94 7.81
N THR A 574 -7.30 23.89 6.89
CA THR A 574 -8.60 24.50 6.59
C THR A 574 -9.10 23.99 5.23
N ILE A 575 -10.41 24.01 5.05
CA ILE A 575 -11.00 23.70 3.76
C ILE A 575 -10.35 24.54 2.63
N GLU A 576 -10.00 25.80 2.93
CA GLU A 576 -9.30 26.66 1.95
C GLU A 576 -7.98 26.08 1.47
N GLN A 577 -7.15 25.65 2.42
CA GLN A 577 -5.87 25.04 2.07
C GLN A 577 -6.06 23.77 1.26
N LEU A 578 -7.03 22.94 1.67
CA LEU A 578 -7.36 21.72 0.93
C LEU A 578 -7.74 22.04 -0.50
N LEU A 579 -8.47 23.14 -0.67
CA LEU A 579 -9.03 23.53 -1.96
C LEU A 579 -8.11 24.40 -2.79
N THR A 580 -6.85 24.53 -2.39
CA THR A 580 -5.91 25.39 -3.09
C THR A 580 -5.27 24.67 -4.29
N ILE A 581 -5.84 24.91 -5.47
CA ILE A 581 -5.45 24.30 -6.72
C ILE A 581 -3.99 24.58 -7.11
N PRO A 582 -3.21 23.53 -7.42
CA PRO A 582 -1.77 23.73 -7.64
C PRO A 582 -1.43 24.32 -9.01
N LEU A 583 -2.01 25.47 -9.35
CA LEU A 583 -1.74 26.17 -10.60
C LEU A 583 -0.33 26.75 -10.63
N ALA A 584 0.34 26.65 -11.79
CA ALA A 584 1.65 27.24 -11.94
C ALA A 584 1.51 28.75 -12.17
N LYS A 585 2.43 29.52 -11.61
CA LYS A 585 2.46 30.96 -11.83
C LYS A 585 2.85 31.27 -13.26
N GLU A 586 2.76 32.54 -13.63
CA GLU A 586 3.19 32.99 -14.96
C GLU A 586 4.72 32.89 -15.05
N LEU A 587 5.21 32.45 -16.21
CA LEU A 587 6.65 32.36 -16.47
C LEU A 587 7.37 31.38 -15.55
N ALA A 588 6.75 30.24 -15.24
CA ALA A 588 7.32 29.33 -14.25
C ALA A 588 8.62 28.63 -14.68
N TRP A 589 8.73 28.30 -15.96
CA TRP A 589 9.78 27.37 -16.40
C TRP A 589 10.56 27.83 -17.63
N ALA A 590 11.86 27.59 -17.60
CA ALA A 590 12.71 27.77 -18.77
C ALA A 590 12.39 26.63 -19.73
N PRO A 591 12.78 26.78 -21.01
CA PRO A 591 12.54 25.71 -21.99
C PRO A 591 13.15 24.36 -21.61
N ASP A 592 14.38 24.35 -21.11
CA ASP A 592 15.05 23.10 -20.72
C ASP A 592 14.33 22.40 -19.56
N GLU A 593 13.81 23.20 -18.64
CA GLU A 593 13.02 22.67 -17.54
C GLU A 593 11.74 22.00 -18.08
N ILE A 594 11.09 22.64 -19.04
CA ILE A 594 9.90 22.06 -19.66
C ILE A 594 10.19 20.70 -20.31
N ARG A 595 11.27 20.63 -21.10
CA ARG A 595 11.64 19.38 -21.76
C ARG A 595 11.93 18.25 -20.75
N GLU A 596 12.76 18.54 -19.75
CA GLU A 596 13.13 17.57 -18.72
C GLU A 596 11.91 16.96 -18.03
N GLU A 597 10.94 17.81 -17.75
CA GLU A 597 9.70 17.41 -17.10
C GLU A 597 8.89 16.53 -18.03
N VAL A 598 8.80 16.95 -19.29
CA VAL A 598 8.15 16.11 -20.30
C VAL A 598 8.85 14.76 -20.47
N ASP A 599 10.17 14.78 -20.56
CA ASP A 599 10.96 13.56 -20.62
C ASP A 599 10.72 12.67 -19.40
N ASN A 600 10.69 13.30 -18.23
CA ASN A 600 10.50 12.60 -16.96
C ASN A 600 9.17 11.83 -16.99
N ASN A 601 8.11 12.52 -17.39
CA ASN A 601 6.79 11.91 -17.43
C ASN A 601 6.58 10.87 -18.53
N CYS A 602 7.14 11.12 -19.71
CA CYS A 602 7.08 10.11 -20.78
C CYS A 602 7.86 8.86 -20.39
N GLN A 603 9.02 9.05 -19.78
CA GLN A 603 9.82 7.93 -19.27
C GLN A 603 9.07 7.05 -18.26
N SER A 604 8.43 7.66 -17.24
CA SER A 604 7.70 6.84 -16.27
C SER A 604 6.53 6.08 -16.89
N ILE A 605 5.84 6.71 -17.84
CA ILE A 605 4.74 6.05 -18.51
C ILE A 605 5.25 4.86 -19.31
N LEU A 606 6.24 5.10 -20.16
CA LEU A 606 6.79 4.05 -21.00
C LEU A 606 7.40 2.91 -20.19
N GLY A 607 8.19 3.25 -19.18
CA GLY A 607 8.88 2.25 -18.38
C GLY A 607 7.90 1.38 -17.62
N TYR A 608 6.84 1.98 -17.12
CA TYR A 608 5.83 1.21 -16.41
C TYR A 608 4.95 0.46 -17.41
N VAL A 609 4.48 1.16 -18.44
CA VAL A 609 3.54 0.57 -19.39
C VAL A 609 4.10 -0.64 -20.14
N VAL A 610 5.37 -0.58 -20.54
CA VAL A 610 5.92 -1.68 -21.32
C VAL A 610 5.83 -3.02 -20.58
N ARG A 611 6.06 -3.02 -19.28
CA ARG A 611 6.05 -4.25 -18.48
C ARG A 611 4.62 -4.70 -18.15
N TRP A 612 3.73 -3.73 -18.03
CA TRP A 612 2.30 -4.01 -17.80
C TRP A 612 1.70 -4.66 -19.03
N VAL A 613 1.87 -4.02 -20.19
CA VAL A 613 1.22 -4.50 -21.41
C VAL A 613 1.83 -5.78 -21.98
N ASP A 614 3.17 -5.85 -21.99
CA ASP A 614 3.87 -6.97 -22.63
C ASP A 614 4.02 -8.19 -21.72
N GLN A 615 4.11 -7.98 -20.40
CA GLN A 615 4.37 -9.10 -19.49
C GLN A 615 3.38 -9.26 -18.33
N GLY A 616 2.42 -8.37 -18.21
CA GLY A 616 1.43 -8.46 -17.14
C GLY A 616 2.00 -8.25 -15.73
N VAL A 617 3.04 -7.44 -15.66
CA VAL A 617 3.69 -7.06 -14.40
C VAL A 617 3.20 -5.69 -13.98
N GLY A 618 2.68 -5.60 -12.76
CA GLY A 618 2.02 -4.40 -12.26
C GLY A 618 2.86 -3.61 -11.26
N ALA A 619 3.96 -4.21 -10.81
CA ALA A 619 4.91 -3.53 -9.93
C ALA A 619 6.27 -4.21 -10.01
N SER A 620 7.32 -3.41 -9.97
CA SER A 620 8.69 -3.89 -10.07
C SER A 620 9.63 -2.72 -9.82
N LYS A 621 10.92 -3.00 -9.75
CA LYS A 621 11.90 -1.92 -9.68
C LYS A 621 12.10 -1.38 -11.09
N VAL A 622 11.51 -0.21 -11.35
CA VAL A 622 11.62 0.44 -12.65
C VAL A 622 12.60 1.58 -12.53
N PRO A 623 13.63 1.61 -13.40
CA PRO A 623 14.58 2.73 -13.35
C PRO A 623 13.88 3.97 -13.86
N ASP A 624 13.97 5.08 -13.14
CA ASP A 624 13.43 6.32 -13.68
C ASP A 624 14.45 6.90 -14.66
N ILE A 625 14.21 8.13 -15.09
CA ILE A 625 15.03 8.74 -16.14
C ILE A 625 16.49 8.92 -15.70
N HIS A 626 16.71 9.17 -14.41
CA HIS A 626 18.06 9.31 -13.87
C HIS A 626 18.58 8.02 -13.27
N ASP A 627 17.94 6.92 -13.65
CA ASP A 627 18.38 5.56 -13.31
C ASP A 627 18.17 5.20 -11.83
N VAL A 628 17.36 5.98 -11.13
CA VAL A 628 16.96 5.60 -9.77
C VAL A 628 15.85 4.55 -9.83
N ALA A 629 16.06 3.44 -9.11
CA ALA A 629 15.04 2.41 -9.02
C ALA A 629 13.84 2.90 -8.21
N LEU A 630 12.66 2.87 -8.81
CA LEU A 630 11.41 3.19 -8.12
C LEU A 630 10.47 1.98 -8.11
N MET A 631 9.77 1.80 -7.00
CA MET A 631 8.75 0.77 -6.95
C MET A 631 7.39 1.44 -6.75
N GLU A 632 6.79 1.85 -7.86
CA GLU A 632 5.52 2.55 -7.83
C GLU A 632 4.47 1.62 -8.42
N ASP A 633 3.21 1.94 -8.17
CA ASP A 633 2.14 1.15 -8.75
C ASP A 633 1.50 1.92 -9.91
N ARG A 634 0.38 1.42 -10.41
CA ARG A 634 -0.28 1.96 -11.61
C ARG A 634 -0.60 3.46 -11.57
N ALA A 635 -0.84 3.99 -10.37
CA ALA A 635 -1.09 5.43 -10.18
C ALA A 635 0.03 6.34 -10.71
N THR A 636 1.22 5.79 -10.92
CA THR A 636 2.28 6.57 -11.57
C THR A 636 1.84 6.96 -12.97
N LEU A 637 1.01 6.13 -13.57
CA LEU A 637 0.48 6.40 -14.90
C LEU A 637 -0.54 7.51 -14.83
N ARG A 638 -1.34 7.50 -13.77
CA ARG A 638 -2.43 8.47 -13.66
C ARG A 638 -1.88 9.88 -13.52
N ILE A 639 -0.94 10.05 -12.59
CA ILE A 639 -0.35 11.36 -12.37
C ILE A 639 0.42 11.86 -13.60
N SER A 640 1.19 10.98 -14.24
CA SER A 640 2.06 11.39 -15.33
C SER A 640 1.28 11.78 -16.56
N SER A 641 0.35 10.91 -16.95
CA SER A 641 -0.49 11.18 -18.10
C SER A 641 -1.40 12.37 -17.85
N GLN A 642 -1.80 12.59 -16.60
CA GLN A 642 -2.64 13.76 -16.32
C GLN A 642 -1.85 15.05 -16.40
N LEU A 643 -0.59 14.99 -15.99
CA LEU A 643 0.23 16.20 -16.03
C LEU A 643 0.56 16.57 -17.49
N LEU A 644 0.91 15.59 -18.31
CA LEU A 644 1.16 15.87 -19.72
C LEU A 644 -0.12 16.31 -20.45
N ALA A 645 -1.27 15.72 -20.12
CA ALA A 645 -2.54 16.12 -20.72
C ALA A 645 -2.91 17.54 -20.30
N ASN A 646 -2.51 17.92 -19.09
CA ASN A 646 -2.76 19.28 -18.61
C ASN A 646 -1.86 20.31 -19.31
N TRP A 647 -0.59 19.98 -19.45
CA TRP A 647 0.32 20.84 -20.19
C TRP A 647 -0.05 20.95 -21.66
N LEU A 648 -0.48 19.84 -22.26
CA LEU A 648 -0.91 19.84 -23.66
C LEU A 648 -2.19 20.65 -23.79
N ARG A 649 -3.05 20.56 -22.78
CA ARG A 649 -4.34 21.26 -22.78
C ARG A 649 -4.16 22.78 -22.78
N HIS A 650 -3.10 23.29 -22.14
CA HIS A 650 -2.95 24.73 -21.90
C HIS A 650 -1.78 25.41 -22.61
N GLY A 651 -1.17 24.74 -23.57
CA GLY A 651 -0.19 25.38 -24.44
C GLY A 651 1.24 25.31 -23.98
N VAL A 652 1.49 24.58 -22.90
CA VAL A 652 2.84 24.48 -22.38
C VAL A 652 3.74 23.69 -23.33
N ILE A 653 3.17 22.67 -23.95
CA ILE A 653 3.91 21.81 -24.87
C ILE A 653 3.08 21.56 -26.11
N THR A 654 3.69 21.02 -27.17
CA THR A 654 2.96 20.64 -28.35
C THR A 654 2.84 19.12 -28.44
N SER A 655 1.94 18.65 -29.30
CA SER A 655 1.84 17.22 -29.57
C SER A 655 3.13 16.70 -30.19
N ALA A 656 3.89 17.58 -30.83
CA ALA A 656 5.17 17.20 -31.41
C ALA A 656 6.20 17.06 -30.30
N ASP A 657 6.11 17.94 -29.30
CA ASP A 657 6.97 17.83 -28.12
C ASP A 657 6.74 16.48 -27.42
N VAL A 658 5.47 16.11 -27.29
CA VAL A 658 5.11 14.83 -26.69
C VAL A 658 5.62 13.66 -27.52
N ARG A 659 5.44 13.75 -28.84
CA ARG A 659 5.94 12.72 -29.76
C ARG A 659 7.44 12.53 -29.62
N ALA A 660 8.17 13.65 -29.65
CA ALA A 660 9.64 13.67 -29.57
C ALA A 660 10.12 13.02 -28.26
N SER A 661 9.51 13.39 -27.15
CA SER A 661 9.90 12.82 -25.88
C SER A 661 9.70 11.29 -25.83
N LEU A 662 8.54 10.80 -26.27
CA LEU A 662 8.31 9.35 -26.35
C LEU A 662 9.35 8.64 -27.22
N GLU A 663 9.67 9.24 -28.37
CA GLU A 663 10.66 8.69 -29.26
C GLU A 663 12.04 8.74 -28.62
N ARG A 664 12.32 9.83 -27.93
CA ARG A 664 13.61 9.99 -27.26
C ARG A 664 13.73 9.07 -26.05
N MET A 665 12.60 8.73 -25.42
CA MET A 665 12.64 7.94 -24.20
C MET A 665 12.52 6.43 -24.43
N ALA A 666 11.80 6.03 -25.48
CA ALA A 666 11.58 4.60 -25.74
C ALA A 666 12.87 3.74 -25.85
N PRO A 667 13.89 4.20 -26.60
CA PRO A 667 15.15 3.46 -26.63
C PRO A 667 15.84 3.39 -25.28
N LEU A 668 15.67 4.42 -24.45
CA LEU A 668 16.29 4.45 -23.13
C LEU A 668 15.65 3.37 -22.27
N VAL A 669 14.31 3.30 -22.34
CA VAL A 669 13.56 2.28 -21.63
C VAL A 669 13.97 0.91 -22.18
N ASP A 670 14.08 0.81 -23.50
CA ASP A 670 14.53 -0.43 -24.13
C ASP A 670 15.85 -0.87 -23.52
N ARG A 671 16.73 0.10 -23.32
CA ARG A 671 18.06 -0.15 -22.79
C ARG A 671 18.04 -0.56 -21.32
N GLN A 672 17.24 0.17 -20.52
CA GLN A 672 17.05 -0.14 -19.09
C GLN A 672 16.42 -1.51 -18.83
N ASN A 673 16.00 -2.19 -19.90
CA ASN A 673 15.31 -3.46 -19.78
C ASN A 673 16.09 -4.66 -20.34
N ALA A 674 17.38 -4.50 -20.54
CA ALA A 674 18.17 -5.61 -21.07
C ALA A 674 19.37 -6.01 -20.22
N GLY A 675 19.16 -6.62 -19.06
CA GLY A 675 17.87 -6.72 -18.41
C GLY A 675 17.11 -8.03 -18.54
N ASP A 676 16.05 -7.98 -19.34
CA ASP A 676 15.02 -8.99 -19.27
C ASP A 676 14.98 -9.91 -20.50
N VAL A 677 14.98 -11.20 -20.22
CA VAL A 677 14.97 -12.24 -21.22
C VAL A 677 13.74 -12.12 -22.14
N ALA A 678 12.58 -11.82 -21.56
CA ALA A 678 11.34 -11.76 -22.32
C ALA A 678 11.05 -10.40 -22.99
N TYR A 679 11.92 -9.42 -22.77
CA TYR A 679 11.68 -8.05 -23.24
C TYR A 679 11.71 -7.89 -24.78
N ARG A 680 10.71 -7.18 -25.31
CA ARG A 680 10.63 -6.88 -26.73
C ARG A 680 10.74 -5.37 -26.93
N PRO A 681 11.75 -4.93 -27.71
CA PRO A 681 12.08 -3.50 -27.88
C PRO A 681 10.92 -2.70 -28.44
N MET A 682 10.85 -1.42 -28.09
CA MET A 682 9.83 -0.52 -28.61
C MET A 682 10.36 0.25 -29.82
N ALA A 683 11.57 0.77 -29.68
CA ALA A 683 12.25 1.43 -30.79
C ALA A 683 12.83 0.36 -31.72
N PRO A 684 12.95 0.68 -33.03
CA PRO A 684 12.54 1.94 -33.67
C PRO A 684 11.18 1.80 -34.35
N ASN A 685 10.51 0.66 -34.19
CA ASN A 685 9.22 0.43 -34.82
C ASN A 685 8.03 0.73 -33.90
N PHE A 686 7.90 1.99 -33.52
CA PHE A 686 6.96 2.41 -32.48
C PHE A 686 5.51 1.96 -32.68
N ASP A 687 4.93 2.25 -33.84
CA ASP A 687 3.52 1.93 -34.02
C ASP A 687 3.23 0.43 -34.20
N ASP A 688 4.26 -0.39 -34.00
CA ASP A 688 4.11 -1.84 -33.96
C ASP A 688 4.13 -2.36 -32.52
N SER A 689 4.47 -1.48 -31.59
CA SER A 689 4.46 -1.86 -30.19
C SER A 689 3.15 -1.41 -29.56
N ILE A 690 2.34 -2.38 -29.14
CA ILE A 690 1.09 -2.10 -28.47
C ILE A 690 1.36 -1.31 -27.19
N ALA A 691 2.46 -1.62 -26.51
CA ALA A 691 2.84 -0.86 -25.30
C ALA A 691 3.14 0.61 -25.62
N PHE A 692 3.99 0.85 -26.61
CA PHE A 692 4.25 2.21 -27.06
C PHE A 692 2.94 2.92 -27.42
N LEU A 693 2.07 2.24 -28.15
CA LEU A 693 0.78 2.82 -28.50
C LEU A 693 -0.12 3.08 -27.29
N ALA A 694 0.01 2.24 -26.26
CA ALA A 694 -0.75 2.45 -25.03
C ALA A 694 -0.27 3.74 -24.35
N ALA A 695 1.04 3.92 -24.32
CA ALA A 695 1.64 5.07 -23.67
C ALA A 695 1.17 6.36 -24.34
N GLN A 696 1.24 6.36 -25.66
CA GLN A 696 0.73 7.45 -26.47
C GLN A 696 -0.73 7.72 -26.18
N GLU A 697 -1.56 6.67 -26.13
CA GLU A 697 -2.99 6.84 -25.89
C GLU A 697 -3.31 7.46 -24.54
N LEU A 698 -2.59 7.01 -23.52
CA LEU A 698 -2.79 7.49 -22.15
C LEU A 698 -2.65 9.01 -22.08
N ILE A 699 -1.61 9.52 -22.73
CA ILE A 699 -1.36 10.96 -22.73
C ILE A 699 -2.40 11.69 -23.57
N LEU A 700 -2.58 11.24 -24.81
CA LEU A 700 -3.44 11.94 -25.76
C LEU A 700 -4.93 11.81 -25.48
N SER A 701 -5.35 10.72 -24.84
CA SER A 701 -6.74 10.60 -24.40
C SER A 701 -6.93 10.95 -22.94
N GLY A 702 -5.84 11.28 -22.25
CA GLY A 702 -5.87 11.56 -20.82
C GLY A 702 -6.95 12.50 -20.30
N ALA A 703 -7.11 13.65 -20.95
CA ALA A 703 -8.11 14.63 -20.53
C ALA A 703 -9.54 14.12 -20.63
N GLN A 704 -9.73 13.03 -21.38
CA GLN A 704 -11.08 12.48 -21.60
C GLN A 704 -11.40 11.23 -20.77
N GLN A 705 -10.40 10.67 -20.09
CA GLN A 705 -10.61 9.53 -19.20
C GLN A 705 -11.35 9.96 -17.93
N PRO A 706 -12.27 9.11 -17.43
CA PRO A 706 -13.06 9.49 -16.26
C PRO A 706 -12.14 9.73 -15.07
N ASN A 707 -12.18 10.93 -14.48
CA ASN A 707 -11.32 11.31 -13.37
C ASN A 707 -9.83 11.01 -13.59
N GLY A 708 -9.42 10.88 -14.84
CA GLY A 708 -8.03 10.59 -15.21
C GLY A 708 -7.59 9.14 -15.07
N TYR A 709 -8.56 8.23 -14.95
CA TYR A 709 -8.23 6.80 -14.71
C TYR A 709 -7.57 6.10 -15.91
N THR A 710 -6.57 5.28 -15.63
CA THR A 710 -5.79 4.68 -16.72
C THR A 710 -6.21 3.26 -17.07
N GLU A 711 -6.98 2.62 -16.18
CA GLU A 711 -7.38 1.23 -16.39
C GLU A 711 -8.19 0.96 -17.67
N PRO A 712 -9.17 1.84 -17.99
CA PRO A 712 -9.88 1.55 -19.24
C PRO A 712 -8.94 1.38 -20.44
N ILE A 713 -7.98 2.28 -20.60
CA ILE A 713 -7.08 2.21 -21.72
C ILE A 713 -6.11 1.05 -21.55
N LEU A 714 -5.49 0.97 -20.37
CA LEU A 714 -4.46 -0.02 -20.09
C LEU A 714 -5.03 -1.43 -20.22
N HIS A 715 -6.21 -1.66 -19.63
CA HIS A 715 -6.81 -2.98 -19.71
C HIS A 715 -7.07 -3.37 -21.18
N ARG A 716 -7.61 -2.45 -21.96
CA ARG A 716 -7.88 -2.73 -23.37
C ARG A 716 -6.61 -3.12 -24.11
N ARG A 717 -5.53 -2.36 -23.88
CA ARG A 717 -4.28 -2.62 -24.57
C ARG A 717 -3.62 -3.94 -24.13
N ARG A 718 -3.76 -4.29 -22.86
CA ARG A 718 -3.22 -5.55 -22.37
C ARG A 718 -3.97 -6.74 -22.98
N ARG A 719 -5.28 -6.61 -23.14
CA ARG A 719 -6.08 -7.68 -23.76
C ARG A 719 -5.65 -7.85 -25.21
N GLU A 720 -5.47 -6.71 -25.89
CA GLU A 720 -5.00 -6.68 -27.27
C GLU A 720 -3.68 -7.42 -27.41
N PHE A 721 -2.75 -7.15 -26.50
CA PHE A 721 -1.46 -7.82 -26.52
C PHE A 721 -1.65 -9.33 -26.36
N LYS A 722 -2.40 -9.74 -25.33
CA LYS A 722 -2.71 -11.15 -25.10
C LYS A 722 -3.30 -11.84 -26.33
N ALA A 723 -4.20 -11.15 -27.03
CA ALA A 723 -4.83 -11.74 -28.21
C ALA A 723 -3.81 -11.95 -29.34
N ARG A 724 -2.92 -10.98 -29.55
CA ARG A 724 -1.88 -11.11 -30.56
C ARG A 724 -0.85 -12.19 -30.25
N ALA A 725 -0.51 -12.33 -28.97
CA ALA A 725 0.45 -13.34 -28.55
C ALA A 725 -0.08 -14.76 -28.74
N ALA A 726 -1.38 -14.88 -28.98
CA ALA A 726 -2.04 -16.18 -29.09
C ALA A 726 -2.27 -16.62 -30.53
N GLU A 727 -2.06 -15.69 -31.47
CA GLU A 727 -2.16 -16.02 -32.88
C GLU A 727 -0.77 -16.10 -33.50
#